data_4USJ
#
_entry.id   4USJ
#
_cell.length_a   171.430
_cell.length_b   171.430
_cell.length_c   171.430
_cell.angle_alpha   90.00
_cell.angle_beta   90.00
_cell.angle_gamma   90.00
#
_symmetry.space_group_name_H-M   'P 21 3'
#
loop_
_entity.id
_entity.type
_entity.pdbx_description
1 polymer 'ACETYLGLUTAMATE KINASE, CHLOROPLASTIC'
2 polymer 'NITROGEN REGULATORY PROTEIN PII'
3 non-polymer ARGININE
4 non-polymer "ADENOSINE-5'-DIPHOSPHATE"
5 non-polymer N-ACETYL-L-GLUTAMATE
6 non-polymer 'MAGNESIUM ION'
7 non-polymer 'N-ACETYL-L-GLUTAMYL 5-PHOSPHATE'
8 non-polymer "ADENOSINE-5'-TRIPHOSPHATE"
9 non-polymer GLUTAMINE
10 water water
#
loop_
_entity_poly.entity_id
_entity_poly.type
_entity_poly.pdbx_seq_one_letter_code
_entity_poly.pdbx_strand_id
1 'polypeptide(L)'
;MGSSHHHHHHSSGLVPRGSHMTVSTPPSIATGNAPSPDYRVEILSESLPFIQKFRGKTIVVKYGGAAMTSPELKSSVVSD
LVLLACVGLRPILVHGGGPDINRYLKQLNIPAEFRDGLRVTDATTMEIVSMVLVGKVNKNLVSLINAAGATAVGLSGHDG
RLLTARPVPNSAQLGFVGEVARVDPSVLRPLVDYGYIPVIASVAADDSGQAYNINADTVAGELAAALGAEKLILLTDVAG
ILENKEDPSSLIKEIDIKGVKKMIEDGKVAGGMIPKVKCCIRSLAQGVKTASIIDGRRQHSLLHEIMSDEGAGTMITG
;
A,B
2 'polypeptide(L)'
;MELESIQCDLSAFPGVKFFRIEAIFRPWRLPFVIDTLSKYGIRGLTNTPVKGVGVQGGSRERYAGTEFGPSNLVDKEKLD
IVVSRAQVDAVVRLVAASAYTGEIGDGKIFVHPVAEVVRIRTAETGLEAEKMEGGMEDMMKKKKSAWSHPQFEK
;
C,D
#
loop_
_chem_comp.id
_chem_comp.type
_chem_comp.name
_chem_comp.formula
ADP non-polymer ADENOSINE-5'-DIPHOSPHATE 'C10 H15 N5 O10 P2'
ATP non-polymer ADENOSINE-5'-TRIPHOSPHATE 'C10 H16 N5 O13 P3'
MG non-polymer 'MAGNESIUM ION' 'Mg 2'
NLG non-polymer N-ACETYL-L-GLUTAMATE 'C7 H11 N O5'
#
# COMPACT_ATOMS: atom_id res chain seq x y z
N ASP A 38 2.39 25.91 4.64
CA ASP A 38 1.03 25.33 4.83
C ASP A 38 0.65 24.53 3.59
N TYR A 39 0.20 25.24 2.55
CA TYR A 39 -0.52 24.68 1.37
C TYR A 39 0.27 23.70 0.41
N ARG A 40 1.46 23.29 0.84
CA ARG A 40 2.19 22.19 0.21
C ARG A 40 1.53 20.80 0.49
N VAL A 41 0.40 20.82 1.19
CA VAL A 41 -0.50 19.68 1.45
C VAL A 41 -1.59 19.65 0.38
N GLU A 42 -2.21 20.79 0.10
CA GLU A 42 -3.21 20.87 -0.94
C GLU A 42 -2.72 20.34 -2.32
N ILE A 43 -1.43 20.08 -2.46
CA ILE A 43 -0.81 19.59 -3.70
C ILE A 43 -0.60 18.09 -3.61
N LEU A 44 -0.45 17.60 -2.37
CA LEU A 44 -0.41 16.16 -2.13
C LEU A 44 -1.83 15.61 -2.41
N SER A 45 -2.83 16.33 -1.90
CA SER A 45 -4.25 16.05 -2.17
C SER A 45 -4.53 15.93 -3.65
N GLU A 46 -4.03 16.87 -4.44
CA GLU A 46 -4.26 16.86 -5.87
C GLU A 46 -3.73 15.64 -6.59
N SER A 47 -2.80 14.88 -5.98
CA SER A 47 -2.29 13.65 -6.59
C SER A 47 -3.14 12.33 -6.36
N LEU A 48 -4.30 12.45 -5.71
CA LEU A 48 -5.11 11.26 -5.44
C LEU A 48 -5.52 10.48 -6.70
N PRO A 49 -6.08 11.18 -7.71
CA PRO A 49 -6.56 10.51 -8.91
C PRO A 49 -5.45 9.74 -9.58
N PHE A 50 -4.27 10.35 -9.59
CA PHE A 50 -3.12 9.70 -10.24
C PHE A 50 -2.68 8.46 -9.53
N ILE A 51 -2.65 8.49 -8.21
CA ILE A 51 -2.32 7.31 -7.37
C ILE A 51 -3.36 6.21 -7.49
N GLN A 52 -4.63 6.61 -7.51
CA GLN A 52 -5.72 5.65 -7.62
C GLN A 52 -5.68 4.92 -8.95
N LYS A 53 -5.47 5.67 -10.03
CA LYS A 53 -5.47 5.07 -11.38
C LYS A 53 -4.61 3.82 -11.48
N PHE A 54 -3.44 3.77 -10.86
CA PHE A 54 -2.55 2.59 -11.10
C PHE A 54 -2.33 1.74 -9.86
N ARG A 55 -3.21 1.94 -8.87
CA ARG A 55 -3.11 1.19 -7.63
C ARG A 55 -3.15 -0.27 -7.94
N GLY A 56 -2.20 -1.02 -7.41
CA GLY A 56 -2.20 -2.47 -7.58
C GLY A 56 -1.47 -3.02 -8.79
N LYS A 57 -1.11 -2.14 -9.72
CA LYS A 57 -0.54 -2.57 -11.02
C LYS A 57 0.96 -2.75 -10.98
N THR A 58 1.45 -3.63 -11.83
CA THR A 58 2.90 -3.88 -12.00
C THR A 58 3.52 -3.00 -13.08
N ILE A 59 4.74 -2.55 -12.80
CA ILE A 59 5.38 -1.54 -13.59
C ILE A 59 6.80 -1.98 -13.61
N VAL A 60 7.32 -2.36 -14.78
CA VAL A 60 8.74 -2.67 -14.93
C VAL A 60 9.54 -1.44 -15.38
N VAL A 61 10.48 -1.02 -14.56
CA VAL A 61 11.30 0.14 -14.81
C VAL A 61 12.68 -0.30 -15.11
N LYS A 62 13.23 0.11 -16.25
CA LYS A 62 14.62 -0.16 -16.54
C LYS A 62 15.43 1.10 -16.37
N TYR A 63 16.38 1.01 -15.43
CA TYR A 63 17.36 2.05 -15.13
C TYR A 63 18.61 1.88 -16.00
N GLY A 64 18.71 2.72 -17.02
CA GLY A 64 19.85 2.78 -17.93
C GLY A 64 21.16 2.96 -17.18
N GLY A 65 22.17 2.13 -17.51
CA GLY A 65 23.53 2.36 -17.02
C GLY A 65 23.94 3.83 -17.23
N ALA A 66 23.63 4.40 -18.41
CA ALA A 66 23.95 5.78 -18.79
C ALA A 66 23.25 6.89 -18.03
N ALA A 67 22.21 6.54 -17.30
CA ALA A 67 21.47 7.52 -16.52
C ALA A 67 22.05 7.57 -15.12
N MET A 68 22.91 6.59 -14.81
CA MET A 68 23.65 6.52 -13.55
C MET A 68 24.84 7.45 -13.53
N THR A 69 24.62 8.69 -13.92
CA THR A 69 25.63 9.72 -13.84
C THR A 69 26.07 10.21 -12.43
N SER A 70 25.38 9.86 -11.35
CA SER A 70 25.78 10.47 -10.09
C SER A 70 25.15 9.89 -8.86
N PRO A 71 25.92 9.75 -7.78
CA PRO A 71 25.39 9.17 -6.52
C PRO A 71 24.04 9.76 -6.12
N GLU A 72 23.86 11.06 -6.40
CA GLU A 72 22.66 11.79 -6.06
C GLU A 72 21.53 11.58 -7.06
N LEU A 73 21.83 11.45 -8.34
CA LEU A 73 20.73 11.16 -9.30
C LEU A 73 20.16 9.77 -9.13
N LYS A 74 21.09 8.88 -9.08
CA LYS A 74 20.86 7.57 -8.64
C LYS A 74 19.97 7.46 -7.44
N SER A 75 20.21 8.23 -6.41
CA SER A 75 19.35 8.10 -5.23
C SER A 75 17.96 8.79 -5.42
N SER A 76 17.84 9.75 -6.33
CA SER A 76 16.56 10.32 -6.69
C SER A 76 15.73 9.23 -7.41
N VAL A 77 16.34 8.45 -8.30
CA VAL A 77 15.60 7.34 -8.89
C VAL A 77 15.15 6.29 -7.85
N VAL A 78 15.98 5.94 -6.86
CA VAL A 78 15.53 4.93 -5.94
C VAL A 78 14.42 5.54 -5.08
N SER A 79 14.51 6.83 -4.81
CA SER A 79 13.47 7.46 -4.02
C SER A 79 12.15 7.27 -4.75
N ASP A 80 12.16 7.51 -6.05
CA ASP A 80 10.95 7.42 -6.85
C ASP A 80 10.39 6.04 -6.86
N LEU A 81 11.24 5.03 -6.96
CA LEU A 81 10.75 3.66 -6.82
C LEU A 81 10.10 3.35 -5.49
N VAL A 82 10.71 3.81 -4.43
CA VAL A 82 10.25 3.50 -3.12
C VAL A 82 8.89 4.17 -2.89
N LEU A 83 8.77 5.39 -3.36
CA LEU A 83 7.51 6.09 -3.31
C LEU A 83 6.42 5.32 -4.05
N LEU A 84 6.72 4.83 -5.24
CA LEU A 84 5.71 4.11 -5.97
C LEU A 84 5.24 2.85 -5.26
N ALA A 85 6.18 2.17 -4.60
CA ALA A 85 5.85 1.01 -3.81
C ALA A 85 5.00 1.39 -2.61
N CYS A 86 5.38 2.44 -1.89
CA CYS A 86 4.63 2.80 -0.69
C CYS A 86 3.19 3.18 -1.02
N VAL A 87 3.03 3.76 -2.18
CA VAL A 87 1.77 4.32 -2.66
C VAL A 87 0.88 3.29 -3.41
N GLY A 88 1.39 2.06 -3.60
CA GLY A 88 0.51 0.98 -3.98
C GLY A 88 0.73 0.32 -5.32
N LEU A 89 1.76 0.74 -6.04
CA LEU A 89 2.08 0.14 -7.32
C LEU A 89 3.05 -0.93 -6.96
N ARG A 90 3.38 -1.81 -7.89
CA ARG A 90 4.29 -2.90 -7.63
C ARG A 90 5.42 -2.85 -8.63
N PRO A 91 6.48 -2.13 -8.28
CA PRO A 91 7.50 -1.83 -9.27
C PRO A 91 8.60 -2.83 -9.26
N ILE A 92 9.25 -3.00 -10.40
CA ILE A 92 10.34 -3.92 -10.57
C ILE A 92 11.43 -3.22 -11.34
N LEU A 93 12.65 -3.29 -10.81
CA LEU A 93 13.80 -2.60 -11.36
C LEU A 93 14.62 -3.54 -12.18
N VAL A 94 14.91 -3.15 -13.40
CA VAL A 94 15.88 -3.86 -14.19
C VAL A 94 16.91 -2.83 -14.49
N HIS A 95 18.20 -3.18 -14.39
CA HIS A 95 19.24 -2.20 -14.62
C HIS A 95 20.18 -2.68 -15.68
N GLY A 96 20.92 -1.72 -16.23
CA GLY A 96 21.99 -2.02 -17.17
C GLY A 96 23.27 -1.71 -16.45
N GLY A 97 24.28 -1.29 -17.22
CA GLY A 97 25.59 -0.94 -16.67
C GLY A 97 26.74 -0.90 -17.63
N GLY A 98 26.52 -0.49 -18.89
CA GLY A 98 27.57 -0.60 -19.93
C GLY A 98 28.79 0.25 -19.71
N PRO A 99 28.58 1.46 -19.22
CA PRO A 99 29.75 2.28 -18.88
C PRO A 99 30.57 1.79 -17.71
N ASP A 100 29.95 1.25 -16.68
CA ASP A 100 30.70 0.68 -15.59
C ASP A 100 31.52 -0.46 -16.12
N ILE A 101 30.94 -1.22 -17.02
CA ILE A 101 31.67 -2.28 -17.69
C ILE A 101 32.85 -1.74 -18.51
N ASN A 102 32.58 -0.70 -19.31
CA ASN A 102 33.60 -0.14 -20.18
C ASN A 102 34.82 0.36 -19.43
N ARG A 103 34.58 1.07 -18.33
CA ARG A 103 35.60 1.52 -17.40
C ARG A 103 36.50 0.36 -16.91
N TYR A 104 35.95 -0.81 -16.58
CA TYR A 104 36.81 -1.91 -16.12
C TYR A 104 37.56 -2.54 -17.29
N LEU A 105 36.91 -2.60 -18.43
CA LEU A 105 37.62 -3.08 -19.58
C LEU A 105 38.82 -2.17 -19.91
N LYS A 106 38.70 -0.86 -19.77
CA LYS A 106 39.88 -0.01 -20.04
C LYS A 106 40.97 -0.32 -19.04
N GLN A 107 40.65 -0.34 -17.75
CA GLN A 107 41.58 -0.63 -16.66
C GLN A 107 42.30 -1.96 -16.89
N LEU A 108 41.58 -2.99 -17.31
CA LEU A 108 42.19 -4.29 -17.53
C LEU A 108 42.78 -4.49 -18.92
N ASN A 109 42.74 -3.45 -19.72
CA ASN A 109 43.38 -3.43 -21.02
C ASN A 109 42.72 -4.32 -22.03
N ILE A 110 41.41 -4.35 -22.02
CA ILE A 110 40.66 -5.21 -22.91
C ILE A 110 39.87 -4.38 -23.89
N PRO A 111 40.09 -4.63 -25.17
CA PRO A 111 39.37 -3.86 -26.19
C PRO A 111 37.87 -4.12 -26.17
N ALA A 112 37.07 -3.13 -26.59
CA ALA A 112 35.63 -3.19 -26.63
C ALA A 112 35.03 -2.84 -27.99
N GLU A 113 33.91 -3.47 -28.32
CA GLU A 113 33.17 -3.26 -29.56
C GLU A 113 31.64 -3.31 -29.39
N PHE A 114 30.92 -2.43 -30.05
CA PHE A 114 29.50 -2.57 -30.13
C PHE A 114 29.04 -2.65 -31.57
N ARG A 115 28.08 -3.50 -31.81
CA ARG A 115 27.42 -3.59 -33.10
C ARG A 115 25.94 -3.41 -32.90
N ASP A 116 25.42 -2.42 -33.59
CA ASP A 116 23.98 -2.08 -33.52
C ASP A 116 23.45 -2.11 -32.09
N GLY A 117 24.23 -1.59 -31.15
CA GLY A 117 23.76 -1.43 -29.76
C GLY A 117 24.05 -2.61 -28.85
N LEU A 118 24.73 -3.64 -29.36
CA LEU A 118 25.02 -4.88 -28.61
C LEU A 118 26.50 -5.15 -28.49
N ARG A 119 26.94 -5.56 -27.33
CA ARG A 119 28.37 -5.67 -27.08
C ARG A 119 28.88 -7.01 -27.53
N VAL A 120 29.94 -6.99 -28.34
CA VAL A 120 30.60 -8.22 -28.72
C VAL A 120 31.18 -8.78 -27.45
N THR A 121 30.97 -10.07 -27.21
CA THR A 121 31.27 -10.64 -25.90
C THR A 121 31.95 -11.99 -26.01
N ASP A 122 33.27 -11.98 -25.90
CA ASP A 122 34.00 -13.24 -25.74
C ASP A 122 33.99 -13.72 -24.29
N ALA A 123 34.65 -14.85 -24.05
CA ALA A 123 34.53 -15.47 -22.77
C ALA A 123 35.05 -14.58 -21.66
N THR A 124 36.20 -14.00 -21.92
CA THR A 124 36.83 -13.11 -20.93
C THR A 124 35.94 -11.95 -20.62
N THR A 125 35.44 -11.28 -21.67
CA THR A 125 34.54 -10.15 -21.48
C THR A 125 33.25 -10.58 -20.73
N MET A 126 32.73 -11.77 -21.00
CA MET A 126 31.50 -12.26 -20.32
C MET A 126 31.72 -12.27 -18.85
N GLU A 127 32.88 -12.78 -18.43
CA GLU A 127 33.15 -12.83 -17.01
C GLU A 127 33.19 -11.44 -16.37
N ILE A 128 33.72 -10.47 -17.10
CA ILE A 128 33.77 -9.12 -16.58
C ILE A 128 32.38 -8.51 -16.50
N VAL A 129 31.56 -8.77 -17.54
CA VAL A 129 30.21 -8.29 -17.61
C VAL A 129 29.47 -8.76 -16.35
N SER A 130 29.45 -10.06 -16.13
CA SER A 130 28.76 -10.57 -14.97
C SER A 130 29.28 -9.99 -13.67
N MET A 131 30.60 -9.83 -13.59
CA MET A 131 31.21 -9.22 -12.43
C MET A 131 30.70 -7.83 -12.12
N VAL A 132 30.59 -6.94 -13.10
CA VAL A 132 30.24 -5.55 -12.86
C VAL A 132 28.74 -5.41 -12.65
N LEU A 133 27.97 -6.08 -13.50
CA LEU A 133 26.52 -5.92 -13.48
C LEU A 133 25.93 -6.47 -12.20
N VAL A 134 26.36 -7.66 -11.81
CA VAL A 134 25.81 -8.31 -10.64
C VAL A 134 26.54 -7.92 -9.36
N GLY A 135 27.83 -7.73 -9.44
CA GLY A 135 28.64 -7.58 -8.23
C GLY A 135 28.88 -6.14 -7.82
N LYS A 136 28.79 -5.26 -8.80
CA LYS A 136 28.81 -3.85 -8.54
C LYS A 136 27.44 -3.15 -8.65
N VAL A 137 26.85 -3.13 -9.86
CA VAL A 137 25.68 -2.28 -10.05
C VAL A 137 24.48 -2.80 -9.23
N ASN A 138 24.16 -4.06 -9.45
CA ASN A 138 23.01 -4.69 -8.81
C ASN A 138 23.05 -4.54 -7.29
N LYS A 139 24.19 -4.74 -6.68
CA LYS A 139 24.24 -4.57 -5.24
C LYS A 139 24.31 -3.10 -4.80
N ASN A 140 24.80 -2.23 -5.68
CA ASN A 140 24.87 -0.82 -5.32
C ASN A 140 23.44 -0.35 -5.18
N LEU A 141 22.58 -0.76 -6.11
CA LEU A 141 21.16 -0.37 -6.11
C LEU A 141 20.34 -1.03 -4.95
N VAL A 142 20.49 -2.36 -4.76
CA VAL A 142 19.91 -3.02 -3.62
C VAL A 142 20.27 -2.27 -2.32
N SER A 143 21.55 -1.99 -2.20
CA SER A 143 22.11 -1.38 -1.04
C SER A 143 21.45 -0.02 -0.76
N LEU A 144 21.10 0.69 -1.83
CA LEU A 144 20.56 2.02 -1.70
C LEU A 144 19.10 1.99 -1.29
N ILE A 145 18.35 1.10 -1.94
CA ILE A 145 16.96 0.85 -1.58
C ILE A 145 16.85 0.41 -0.10
N ASN A 146 17.69 -0.53 0.32
CA ASN A 146 17.65 -0.93 1.71
C ASN A 146 17.84 0.28 2.62
N ALA A 147 18.71 1.18 2.22
CA ALA A 147 19.00 2.35 3.07
C ALA A 147 17.97 3.47 2.96
N ALA A 148 17.08 3.37 1.99
CA ALA A 148 15.94 4.29 1.90
C ALA A 148 14.69 3.83 2.69
N GLY A 149 14.84 2.79 3.52
CA GLY A 149 13.72 2.23 4.30
C GLY A 149 12.80 1.25 3.60
N ALA A 150 13.27 0.57 2.57
CA ALA A 150 12.54 -0.46 1.91
C ALA A 150 13.46 -1.66 1.92
N THR A 151 13.12 -2.73 1.24
CA THR A 151 14.01 -3.85 1.19
C THR A 151 14.07 -4.44 -0.18
N ALA A 152 15.27 -4.65 -0.71
CA ALA A 152 15.38 -5.15 -2.05
C ALA A 152 16.00 -6.52 -2.07
N VAL A 153 15.79 -7.19 -3.19
CA VAL A 153 16.48 -8.45 -3.46
C VAL A 153 16.99 -8.40 -4.88
N GLY A 154 18.29 -8.57 -5.04
CA GLY A 154 18.90 -8.54 -6.35
C GLY A 154 19.11 -9.93 -6.92
N LEU A 155 18.62 -10.10 -8.14
CA LEU A 155 18.70 -11.36 -8.83
C LEU A 155 19.30 -11.20 -10.20
N SER A 156 20.07 -12.19 -10.63
CA SER A 156 20.40 -12.31 -12.06
C SER A 156 19.50 -13.34 -12.66
N GLY A 157 19.56 -13.47 -13.97
CA GLY A 157 18.79 -14.50 -14.62
C GLY A 157 19.10 -15.90 -14.13
N HIS A 158 20.25 -16.15 -13.51
CA HIS A 158 20.57 -17.51 -13.07
C HIS A 158 19.77 -17.84 -11.83
N ASP A 159 19.48 -16.81 -11.06
CA ASP A 159 18.90 -17.03 -9.76
C ASP A 159 17.40 -17.50 -9.85
N GLY A 160 17.13 -18.66 -9.24
CA GLY A 160 15.84 -19.32 -9.44
C GLY A 160 15.44 -19.60 -10.90
N ARG A 161 16.43 -19.55 -11.79
CA ARG A 161 16.24 -19.86 -13.20
C ARG A 161 15.25 -18.86 -13.74
N LEU A 162 15.40 -17.64 -13.25
CA LEU A 162 14.51 -16.56 -13.67
C LEU A 162 14.50 -16.34 -15.19
N LEU A 163 15.66 -16.49 -15.83
CA LEU A 163 15.79 -16.37 -17.29
C LEU A 163 16.59 -17.51 -17.86
N THR A 164 16.19 -18.03 -18.99
CA THR A 164 17.02 -18.95 -19.72
C THR A 164 17.36 -18.31 -21.06
N ALA A 165 18.66 -18.22 -21.31
CA ALA A 165 19.18 -17.66 -22.54
C ALA A 165 19.39 -18.67 -23.64
N ARG A 166 19.49 -18.13 -24.85
CA ARG A 166 20.07 -18.89 -25.99
C ARG A 166 20.92 -17.96 -26.87
N PRO A 167 21.81 -18.55 -27.65
CA PRO A 167 22.55 -17.70 -28.47
C PRO A 167 21.72 -17.05 -29.51
N VAL A 168 22.39 -16.15 -30.15
CA VAL A 168 21.83 -15.32 -31.10
C VAL A 168 22.44 -15.90 -32.41
N PRO A 169 21.77 -15.66 -33.54
CA PRO A 169 22.17 -16.33 -34.79
C PRO A 169 23.60 -15.99 -35.26
N ASN A 170 24.01 -14.75 -34.97
CA ASN A 170 25.33 -14.26 -35.39
C ASN A 170 26.22 -14.10 -34.19
N SER A 171 26.29 -15.16 -33.38
CA SER A 171 27.26 -15.23 -32.29
C SER A 171 28.64 -15.48 -32.87
N ALA A 172 28.66 -16.19 -33.99
CA ALA A 172 29.55 -15.93 -35.11
C ALA A 172 30.34 -14.56 -34.99
N GLN A 173 29.62 -13.46 -34.80
CA GLN A 173 30.19 -12.12 -34.67
C GLN A 173 30.17 -11.64 -33.27
N LEU A 174 29.12 -11.97 -32.54
CA LEU A 174 28.87 -11.29 -31.30
C LEU A 174 29.38 -12.04 -30.09
N GLY A 175 29.70 -13.31 -30.30
CA GLY A 175 30.09 -14.20 -29.23
C GLY A 175 28.96 -14.54 -28.31
N PHE A 176 29.26 -14.55 -27.02
CA PHE A 176 28.30 -14.92 -25.99
C PHE A 176 27.25 -13.84 -25.69
N VAL A 177 26.57 -13.38 -26.71
CA VAL A 177 25.44 -12.52 -26.52
C VAL A 177 24.19 -13.35 -26.61
N GLY A 178 23.27 -13.09 -25.70
CA GLY A 178 22.05 -13.88 -25.59
C GLY A 178 20.74 -13.19 -25.91
N GLU A 179 19.85 -14.00 -26.49
CA GLU A 179 18.43 -13.74 -26.58
C GLU A 179 17.70 -14.52 -25.45
N VAL A 180 16.56 -14.00 -25.01
CA VAL A 180 15.76 -14.60 -23.94
C VAL A 180 14.92 -15.73 -24.47
N ALA A 181 15.20 -16.95 -24.08
CA ALA A 181 14.45 -18.11 -24.58
C ALA A 181 13.23 -18.34 -23.70
N ARG A 182 13.44 -18.23 -22.38
CA ARG A 182 12.40 -18.43 -21.40
C ARG A 182 12.49 -17.46 -20.25
N VAL A 183 11.32 -17.10 -19.71
CA VAL A 183 11.25 -16.40 -18.41
C VAL A 183 10.35 -17.24 -17.53
N ASP A 184 10.88 -17.59 -16.35
CA ASP A 184 10.15 -18.26 -15.28
C ASP A 184 10.15 -17.36 -14.06
N PRO A 185 9.02 -16.69 -13.84
CA PRO A 185 8.91 -15.73 -12.77
C PRO A 185 8.50 -16.32 -11.41
N SER A 186 8.46 -17.65 -11.29
CA SER A 186 8.12 -18.30 -10.01
C SER A 186 8.80 -17.65 -8.83
N VAL A 187 10.12 -17.45 -8.96
CA VAL A 187 10.92 -16.98 -7.86
C VAL A 187 10.51 -15.59 -7.42
N LEU A 188 9.91 -14.78 -8.29
CA LEU A 188 9.51 -13.42 -7.91
C LEU A 188 8.21 -13.37 -7.11
N ARG A 189 7.36 -14.40 -7.23
CA ARG A 189 6.03 -14.37 -6.65
C ARG A 189 6.13 -14.20 -5.11
N PRO A 190 6.83 -15.14 -4.43
CA PRO A 190 6.99 -14.97 -2.99
C PRO A 190 7.75 -13.72 -2.56
N LEU A 191 8.66 -13.19 -3.37
CA LEU A 191 9.38 -11.99 -2.96
C LEU A 191 8.47 -10.77 -3.00
N VAL A 192 7.65 -10.63 -4.03
CA VAL A 192 6.71 -9.54 -4.05
C VAL A 192 5.68 -9.72 -2.91
N ASP A 193 5.29 -10.97 -2.62
CA ASP A 193 4.30 -11.27 -1.57
C ASP A 193 4.78 -10.81 -0.21
N TYR A 194 5.97 -11.28 0.18
CA TYR A 194 6.70 -10.72 1.30
C TYR A 194 7.03 -9.20 1.19
N GLY A 195 6.60 -8.44 0.17
CA GLY A 195 6.91 -6.98 0.11
C GLY A 195 8.29 -6.49 -0.39
N TYR A 196 9.25 -7.39 -0.72
CA TYR A 196 10.54 -7.02 -1.27
C TYR A 196 10.42 -6.42 -2.67
N ILE A 197 11.24 -5.42 -3.00
CA ILE A 197 11.44 -4.90 -4.38
C ILE A 197 12.58 -5.65 -5.14
N PRO A 198 12.28 -6.29 -6.23
CA PRO A 198 13.28 -7.01 -7.01
C PRO A 198 14.10 -6.13 -7.86
N VAL A 199 15.40 -6.43 -7.99
CA VAL A 199 16.34 -5.66 -8.79
C VAL A 199 17.11 -6.63 -9.61
N ILE A 200 16.99 -6.52 -10.92
CA ILE A 200 17.38 -7.57 -11.84
C ILE A 200 18.54 -7.15 -12.75
N ALA A 201 19.53 -8.05 -12.86
CA ALA A 201 20.74 -7.90 -13.65
C ALA A 201 20.62 -8.78 -14.88
N SER A 202 21.10 -8.31 -16.03
CA SER A 202 20.74 -8.92 -17.32
C SER A 202 21.70 -9.97 -17.83
N VAL A 203 22.08 -10.91 -16.96
CA VAL A 203 22.91 -12.06 -17.39
C VAL A 203 22.23 -13.34 -17.01
N ALA A 204 22.56 -14.39 -17.74
CA ALA A 204 21.88 -15.67 -17.59
C ALA A 204 22.61 -16.83 -18.26
N ALA A 205 22.02 -18.01 -18.26
CA ALA A 205 22.69 -19.14 -18.87
C ALA A 205 21.71 -19.92 -19.74
N ASP A 206 22.24 -20.67 -20.71
CA ASP A 206 21.44 -21.65 -21.38
C ASP A 206 21.26 -22.91 -20.50
N ASP A 207 20.61 -23.91 -21.05
CA ASP A 207 20.26 -25.04 -20.20
C ASP A 207 21.51 -25.84 -19.86
N SER A 208 22.46 -25.85 -20.81
CA SER A 208 23.77 -26.52 -20.66
C SER A 208 24.65 -25.78 -19.60
N GLY A 209 24.27 -24.57 -19.23
CA GLY A 209 24.91 -23.89 -18.09
C GLY A 209 25.90 -22.81 -18.53
N GLN A 210 25.92 -22.50 -19.82
CA GLN A 210 26.82 -21.50 -20.37
C GLN A 210 26.30 -20.09 -20.17
N ALA A 211 27.17 -19.17 -19.75
CA ALA A 211 26.68 -17.80 -19.55
C ALA A 211 26.56 -17.01 -20.83
N TYR A 212 25.57 -16.12 -20.84
CA TYR A 212 25.30 -15.16 -21.90
C TYR A 212 25.01 -13.76 -21.38
N ASN A 213 25.41 -12.80 -22.20
CA ASN A 213 25.24 -11.39 -21.92
C ASN A 213 24.00 -10.94 -22.71
N ILE A 214 22.97 -10.46 -22.01
CA ILE A 214 21.74 -10.06 -22.66
C ILE A 214 21.49 -8.58 -22.45
N ASN A 215 21.14 -7.90 -23.52
CA ASN A 215 20.93 -6.46 -23.40
C ASN A 215 19.84 -6.20 -22.39
N ALA A 216 20.10 -5.31 -21.46
CA ALA A 216 19.12 -5.07 -20.39
C ALA A 216 17.74 -4.57 -20.91
N ASP A 217 17.67 -3.88 -22.04
CA ASP A 217 16.34 -3.45 -22.49
C ASP A 217 15.49 -4.66 -22.84
N THR A 218 16.12 -5.60 -23.48
CA THR A 218 15.50 -6.83 -23.87
C THR A 218 14.93 -7.65 -22.69
N VAL A 219 15.69 -7.75 -21.61
CA VAL A 219 15.29 -8.43 -20.43
C VAL A 219 14.08 -7.70 -19.83
N ALA A 220 14.22 -6.39 -19.63
CA ALA A 220 13.11 -5.63 -19.13
C ALA A 220 11.83 -5.91 -19.93
N GLY A 221 11.91 -6.01 -21.24
CA GLY A 221 10.70 -6.08 -22.00
C GLY A 221 10.01 -7.44 -21.93
N GLU A 222 10.83 -8.49 -21.81
CA GLU A 222 10.30 -9.84 -21.76
C GLU A 222 9.81 -10.10 -20.35
N LEU A 223 10.52 -9.60 -19.37
CA LEU A 223 10.03 -9.70 -18.02
C LEU A 223 8.67 -9.01 -17.83
N ALA A 224 8.48 -7.88 -18.47
CA ALA A 224 7.20 -7.19 -18.43
C ALA A 224 6.11 -8.06 -19.00
N ALA A 225 6.34 -8.63 -20.19
CA ALA A 225 5.37 -9.56 -20.80
C ALA A 225 5.13 -10.77 -19.90
N ALA A 226 6.19 -11.36 -19.40
CA ALA A 226 6.03 -12.51 -18.48
C ALA A 226 5.17 -12.22 -17.27
N LEU A 227 5.02 -10.98 -16.86
CA LEU A 227 4.24 -10.64 -15.66
C LEU A 227 2.96 -9.88 -16.01
N GLY A 228 2.66 -9.78 -17.27
CA GLY A 228 1.48 -9.04 -17.67
C GLY A 228 1.48 -7.64 -17.13
N ALA A 229 2.63 -7.01 -17.07
CA ALA A 229 2.72 -5.73 -16.42
C ALA A 229 1.96 -4.74 -17.19
N GLU A 230 1.56 -3.70 -16.48
CA GLU A 230 0.77 -2.63 -17.03
C GLU A 230 1.65 -1.76 -17.83
N LYS A 231 2.84 -1.47 -17.31
CA LYS A 231 3.79 -0.54 -17.97
C LYS A 231 5.23 -1.05 -18.00
N LEU A 232 5.92 -0.59 -19.04
CA LEU A 232 7.38 -0.77 -19.16
C LEU A 232 7.89 0.59 -19.35
N ILE A 233 8.80 1.02 -18.50
CA ILE A 233 9.34 2.37 -18.58
C ILE A 233 10.88 2.34 -18.62
N LEU A 234 11.46 2.94 -19.66
CA LEU A 234 12.89 2.89 -19.99
C LEU A 234 13.53 4.23 -19.67
N LEU A 235 14.31 4.28 -18.57
CA LEU A 235 15.07 5.52 -18.25
C LEU A 235 16.47 5.51 -18.84
N THR A 236 16.75 6.45 -19.72
CA THR A 236 18.01 6.52 -20.43
C THR A 236 18.71 7.89 -20.19
N ASP A 237 19.56 8.32 -21.11
CA ASP A 237 20.30 9.58 -20.97
C ASP A 237 19.97 10.61 -22.03
N VAL A 238 18.82 10.43 -22.68
CA VAL A 238 18.25 11.45 -23.58
C VAL A 238 16.81 11.87 -23.17
N ALA A 239 16.37 13.03 -23.62
CA ALA A 239 14.97 13.48 -23.38
C ALA A 239 13.93 12.40 -23.68
N GLY A 240 14.13 11.74 -24.81
CA GLY A 240 13.40 10.56 -25.19
C GLY A 240 13.95 9.97 -26.47
N ILE A 241 13.04 9.57 -27.37
CA ILE A 241 13.40 9.27 -28.76
C ILE A 241 13.37 10.60 -29.46
N LEU A 242 14.43 10.88 -30.26
CA LEU A 242 14.59 12.16 -30.97
C LEU A 242 14.38 12.05 -32.48
N GLU A 243 13.57 12.96 -33.03
CA GLU A 243 13.42 13.10 -34.50
C GLU A 243 14.81 12.97 -35.09
N ASN A 244 15.75 13.64 -34.47
CA ASN A 244 17.08 13.65 -34.98
C ASN A 244 18.09 13.80 -33.80
N LYS A 245 19.00 12.83 -33.67
CA LYS A 245 19.78 12.66 -32.41
C LYS A 245 20.80 13.77 -32.07
N GLU A 246 21.09 14.64 -33.01
CA GLU A 246 21.96 15.79 -32.78
C GLU A 246 21.27 16.92 -32.03
N ASP A 247 19.94 16.95 -32.08
CA ASP A 247 19.12 18.08 -31.56
C ASP A 247 18.32 17.59 -30.36
N PRO A 248 18.62 18.07 -29.13
CA PRO A 248 17.81 17.55 -28.01
C PRO A 248 16.35 18.11 -27.89
N SER A 249 16.04 19.21 -28.58
CA SER A 249 14.67 19.71 -28.60
C SER A 249 13.80 19.02 -29.68
N SER A 250 14.34 18.02 -30.36
CA SER A 250 13.58 17.30 -31.39
C SER A 250 12.91 16.02 -30.80
N LEU A 251 12.57 16.12 -29.51
CA LEU A 251 11.83 15.07 -28.79
C LEU A 251 10.50 14.73 -29.47
N ILE A 252 10.29 13.46 -29.70
CA ILE A 252 9.01 12.94 -30.12
C ILE A 252 8.20 12.65 -28.85
N LYS A 253 7.04 13.28 -28.73
CA LYS A 253 6.27 13.15 -27.50
C LYS A 253 5.44 11.84 -27.46
N GLU A 254 4.87 11.48 -28.60
CA GLU A 254 4.15 10.26 -28.71
C GLU A 254 4.29 9.68 -30.11
N ILE A 255 4.36 8.35 -30.20
CA ILE A 255 4.53 7.61 -31.48
C ILE A 255 3.99 6.15 -31.41
N ASP A 256 3.55 5.60 -32.56
CA ASP A 256 2.95 4.25 -32.63
C ASP A 256 4.00 3.22 -33.14
N ILE A 257 3.69 1.92 -33.15
CA ILE A 257 4.67 0.97 -33.72
C ILE A 257 5.05 1.21 -35.22
N LYS A 258 4.10 1.28 -36.15
CA LYS A 258 4.50 1.41 -37.58
C LYS A 258 5.52 2.54 -37.73
N GLY A 259 5.31 3.59 -36.92
CA GLY A 259 6.05 4.85 -37.00
C GLY A 259 7.50 4.71 -36.60
N VAL A 260 7.69 3.99 -35.49
CA VAL A 260 8.98 3.82 -34.82
C VAL A 260 9.84 2.76 -35.55
N LYS A 261 9.18 1.74 -36.10
CA LYS A 261 9.82 0.80 -37.01
C LYS A 261 10.38 1.54 -38.23
N LYS A 262 9.61 2.40 -38.86
CA LYS A 262 10.13 3.20 -39.97
C LYS A 262 11.38 4.00 -39.53
N MET A 263 11.38 4.50 -38.30
CA MET A 263 12.52 5.26 -37.77
C MET A 263 13.78 4.46 -37.67
N ILE A 264 13.67 3.18 -37.33
CA ILE A 264 14.83 2.27 -37.27
C ILE A 264 15.36 2.04 -38.70
N GLU A 265 14.45 1.83 -39.67
CA GLU A 265 14.84 1.71 -41.06
C GLU A 265 15.47 2.99 -41.52
N ASP A 266 14.66 4.05 -41.63
CA ASP A 266 15.14 5.38 -42.04
C ASP A 266 16.54 5.69 -41.43
N GLY A 267 16.89 5.09 -40.27
CA GLY A 267 18.23 5.22 -39.65
C GLY A 267 18.28 6.23 -38.50
N LYS A 268 17.08 6.67 -38.10
CA LYS A 268 16.89 7.79 -37.17
C LYS A 268 17.15 7.38 -35.73
N VAL A 269 16.76 6.16 -35.36
CA VAL A 269 17.25 5.53 -34.16
C VAL A 269 18.35 4.60 -34.62
N ALA A 270 19.30 4.34 -33.69
CA ALA A 270 20.64 3.83 -33.98
C ALA A 270 21.38 3.48 -32.67
N GLY A 271 22.48 2.74 -32.82
CA GLY A 271 23.21 2.21 -31.68
C GLY A 271 22.31 1.65 -30.60
N GLY A 272 22.42 2.23 -29.41
CA GLY A 272 21.81 1.69 -28.23
C GLY A 272 20.33 2.00 -28.10
N MET A 273 19.83 2.93 -28.92
CA MET A 273 18.41 3.20 -29.03
C MET A 273 17.67 2.14 -29.84
N ILE A 274 18.39 1.23 -30.51
CA ILE A 274 17.70 0.17 -31.30
C ILE A 274 17.06 -0.92 -30.42
N PRO A 275 17.86 -1.56 -29.52
CA PRO A 275 17.25 -2.52 -28.63
C PRO A 275 16.36 -1.87 -27.62
N LYS A 276 16.35 -0.53 -27.58
CA LYS A 276 15.36 0.16 -26.77
C LYS A 276 13.98 0.20 -27.38
N VAL A 277 13.92 0.57 -28.64
CA VAL A 277 12.67 0.66 -29.29
C VAL A 277 12.17 -0.75 -29.50
N LYS A 278 13.08 -1.68 -29.82
CA LYS A 278 12.72 -3.06 -30.18
C LYS A 278 12.02 -3.71 -29.00
N CYS A 279 12.60 -3.52 -27.83
CA CYS A 279 12.07 -4.20 -26.69
C CYS A 279 10.67 -3.63 -26.29
N CYS A 280 10.39 -2.37 -26.67
CA CYS A 280 9.05 -1.79 -26.46
C CYS A 280 8.03 -2.46 -27.36
N ILE A 281 8.45 -2.78 -28.56
CA ILE A 281 7.56 -3.34 -29.52
C ILE A 281 7.26 -4.79 -29.18
N ARG A 282 8.26 -5.48 -28.70
CA ARG A 282 8.11 -6.89 -28.47
C ARG A 282 7.15 -7.07 -27.27
N SER A 283 7.26 -6.11 -26.36
CA SER A 283 6.58 -6.11 -25.12
C SER A 283 5.09 -5.75 -25.31
N LEU A 284 4.83 -4.60 -25.91
CA LEU A 284 3.47 -4.21 -26.29
C LEU A 284 2.73 -5.35 -27.01
N ALA A 285 3.43 -6.06 -27.90
CA ALA A 285 2.77 -7.09 -28.71
C ALA A 285 2.38 -8.28 -27.87
N GLN A 286 3.03 -8.43 -26.73
CA GLN A 286 2.67 -9.50 -25.83
C GLN A 286 1.67 -9.07 -24.76
N GLY A 287 1.15 -7.85 -24.83
CA GLY A 287 0.11 -7.42 -23.93
C GLY A 287 0.41 -6.35 -22.88
N VAL A 288 1.64 -5.85 -22.81
CA VAL A 288 1.93 -4.71 -21.96
C VAL A 288 1.22 -3.50 -22.54
N LYS A 289 0.49 -2.75 -21.73
CA LYS A 289 -0.39 -1.70 -22.27
C LYS A 289 0.34 -0.45 -22.74
N THR A 290 1.35 -0.07 -22.01
CA THR A 290 2.16 1.05 -22.49
C THR A 290 3.64 0.85 -22.36
N ALA A 291 4.39 1.60 -23.16
CA ALA A 291 5.83 1.65 -22.95
C ALA A 291 6.39 3.03 -23.21
N SER A 292 7.25 3.52 -22.33
CA SER A 292 7.78 4.89 -22.42
C SER A 292 9.28 4.92 -22.26
N ILE A 293 9.89 5.93 -22.88
CA ILE A 293 11.33 6.15 -22.84
C ILE A 293 11.52 7.59 -22.36
N ILE A 294 12.30 7.78 -21.31
CA ILE A 294 12.33 9.05 -20.60
C ILE A 294 13.76 9.41 -20.07
N ASP A 295 13.99 10.67 -19.74
CA ASP A 295 15.36 11.04 -19.31
C ASP A 295 15.74 10.72 -17.84
N GLY A 296 16.68 9.82 -17.61
CA GLY A 296 16.99 9.37 -16.23
C GLY A 296 17.61 10.40 -15.29
N ARG A 297 18.11 11.44 -15.91
CA ARG A 297 18.89 12.40 -15.23
C ARG A 297 18.07 13.64 -14.90
N ARG A 298 16.88 13.84 -15.53
CA ARG A 298 15.83 14.76 -14.99
C ARG A 298 15.41 14.30 -13.60
N GLN A 299 15.56 15.18 -12.62
CA GLN A 299 15.04 14.93 -11.28
C GLN A 299 13.62 14.36 -11.38
N HIS A 300 13.42 13.20 -10.79
CA HIS A 300 12.07 12.65 -10.64
C HIS A 300 11.32 12.36 -11.93
N SER A 301 12.06 12.04 -12.98
CA SER A 301 11.48 11.71 -14.30
C SER A 301 10.47 10.55 -14.21
N LEU A 302 10.80 9.49 -13.47
CA LEU A 302 9.87 8.37 -13.29
C LEU A 302 8.49 8.79 -12.73
N LEU A 303 8.50 9.54 -11.62
CA LEU A 303 7.30 10.14 -11.15
C LEU A 303 6.53 11.01 -12.15
N HIS A 304 7.19 11.89 -12.90
CA HIS A 304 6.48 12.74 -13.87
C HIS A 304 5.74 11.90 -14.88
N GLU A 305 6.38 10.79 -15.25
CA GLU A 305 5.87 9.98 -16.33
C GLU A 305 4.58 9.37 -15.85
N ILE A 306 4.57 8.81 -14.66
CA ILE A 306 3.36 8.19 -14.17
C ILE A 306 2.34 9.16 -13.58
N MET A 307 2.74 10.10 -12.75
CA MET A 307 1.78 10.91 -12.04
C MET A 307 1.40 12.16 -12.80
N SER A 308 1.36 12.12 -14.11
CA SER A 308 0.88 13.29 -14.87
C SER A 308 0.42 12.86 -16.23
N ASP A 309 -0.37 13.72 -16.87
CA ASP A 309 -0.96 13.44 -18.18
C ASP A 309 0.07 13.70 -19.28
N GLU A 310 0.75 14.83 -19.17
CA GLU A 310 1.85 15.16 -20.05
C GLU A 310 2.85 13.96 -20.14
N GLY A 311 3.33 13.46 -19.02
CA GLY A 311 4.39 12.44 -19.06
C GLY A 311 5.74 13.14 -19.08
N ALA A 312 6.81 12.36 -19.20
CA ALA A 312 8.19 12.92 -19.24
C ALA A 312 9.08 12.32 -20.34
N GLY A 313 8.48 11.98 -21.48
CA GLY A 313 9.27 11.60 -22.64
C GLY A 313 8.39 11.09 -23.73
N THR A 314 8.91 10.12 -24.47
CA THR A 314 8.18 9.55 -25.58
C THR A 314 7.40 8.35 -25.07
N MET A 315 6.08 8.30 -25.34
CA MET A 315 5.27 7.10 -25.06
C MET A 315 4.98 6.39 -26.34
N ILE A 316 5.09 5.05 -26.30
CA ILE A 316 4.76 4.17 -27.42
C ILE A 316 3.50 3.36 -27.19
N THR A 317 2.73 3.27 -28.27
CA THR A 317 1.51 2.41 -28.47
C THR A 317 0.91 2.79 -29.83
N GLY A 318 0.68 1.78 -30.68
CA GLY A 318 -0.37 1.88 -31.74
C GLY A 318 -0.07 1.26 -33.10
N ASP B 38 4.14 21.15 -13.32
CA ASP B 38 5.39 20.41 -12.99
C ASP B 38 5.50 20.29 -11.49
N TYR B 39 5.85 21.40 -10.82
CA TYR B 39 6.24 21.42 -9.38
C TYR B 39 5.35 20.54 -8.47
N ARG B 40 4.06 20.39 -8.81
CA ARG B 40 3.16 19.41 -8.12
C ARG B 40 3.84 18.07 -7.80
N VAL B 41 4.94 17.77 -8.49
CA VAL B 41 5.57 16.47 -8.35
C VAL B 41 6.68 16.58 -7.32
N GLU B 42 7.61 17.54 -7.47
CA GLU B 42 8.71 17.70 -6.49
C GLU B 42 8.20 17.79 -5.03
N ILE B 43 6.90 17.98 -4.86
CA ILE B 43 6.25 18.19 -3.54
C ILE B 43 5.53 16.92 -3.08
N LEU B 44 5.11 16.14 -4.05
CA LEU B 44 4.65 14.78 -3.75
C LEU B 44 5.85 13.94 -3.27
N SER B 45 7.00 14.10 -3.97
CA SER B 45 8.27 13.51 -3.57
C SER B 45 8.62 13.87 -2.15
N GLU B 46 8.42 15.13 -1.78
CA GLU B 46 8.78 15.56 -0.42
C GLU B 46 7.95 14.93 0.69
N SER B 47 6.86 14.24 0.36
CA SER B 47 6.04 13.53 1.41
C SER B 47 6.44 12.07 1.75
N LEU B 48 7.48 11.58 1.07
CA LEU B 48 7.87 10.19 1.20
C LEU B 48 8.10 9.87 2.69
N PRO B 49 8.90 10.71 3.38
CA PRO B 49 9.24 10.36 4.77
C PRO B 49 8.03 10.20 5.64
N PHE B 50 7.05 11.06 5.40
CA PHE B 50 5.83 11.11 6.21
C PHE B 50 5.03 9.86 5.91
N ILE B 51 4.96 9.50 4.62
CA ILE B 51 4.26 8.27 4.19
C ILE B 51 4.86 6.98 4.76
N GLN B 52 6.18 6.93 4.73
CA GLN B 52 6.91 5.79 5.30
C GLN B 52 6.76 5.65 6.77
N LYS B 53 6.81 6.76 7.51
CA LYS B 53 6.72 6.70 8.96
C LYS B 53 5.47 5.90 9.41
N PHE B 54 4.32 6.04 8.76
CA PHE B 54 3.14 5.44 9.33
C PHE B 54 2.55 4.35 8.48
N ARG B 55 3.39 3.80 7.61
CA ARG B 55 2.99 2.70 6.73
C ARG B 55 2.52 1.47 7.49
N GLY B 56 1.35 0.98 7.20
CA GLY B 56 0.89 -0.22 7.88
C GLY B 56 0.16 -0.01 9.21
N LYS B 57 0.23 1.19 9.79
CA LYS B 57 -0.33 1.45 11.10
C LYS B 57 -1.80 1.86 11.02
N THR B 58 -2.55 1.44 12.04
CA THR B 58 -3.96 1.79 12.22
C THR B 58 -4.16 3.16 12.85
N ILE B 59 -5.21 3.82 12.43
CA ILE B 59 -5.50 5.20 12.78
C ILE B 59 -7.01 5.41 12.93
N VAL B 60 -7.48 5.62 14.16
CA VAL B 60 -8.91 5.82 14.39
C VAL B 60 -9.18 7.30 14.37
N VAL B 61 -10.06 7.74 13.48
CA VAL B 61 -10.39 9.14 13.29
C VAL B 61 -11.86 9.36 13.66
N LYS B 62 -12.14 10.32 14.55
CA LYS B 62 -13.52 10.70 14.88
C LYS B 62 -13.87 11.99 14.16
N TYR B 63 -14.99 11.93 13.43
CA TYR B 63 -15.48 13.03 12.61
C TYR B 63 -16.76 13.56 13.25
N GLY B 64 -16.78 14.85 13.59
CA GLY B 64 -17.96 15.42 14.19
C GLY B 64 -18.13 16.91 14.13
N GLY B 65 -19.38 17.30 14.43
CA GLY B 65 -19.69 18.67 14.81
C GLY B 65 -19.74 19.57 13.61
N ALA B 66 -18.68 20.37 13.41
CA ALA B 66 -18.72 21.44 12.40
C ALA B 66 -18.36 20.90 11.05
N ALA B 67 -17.09 20.57 10.91
CA ALA B 67 -16.62 19.81 9.78
C ALA B 67 -17.73 18.95 9.15
N MET B 68 -18.67 18.42 9.96
CA MET B 68 -19.66 17.46 9.47
C MET B 68 -20.84 18.10 8.77
N THR B 69 -21.13 19.34 9.08
CA THR B 69 -22.26 19.95 8.46
C THR B 69 -21.80 20.42 7.07
N SER B 70 -20.87 21.35 7.04
CA SER B 70 -20.20 21.80 5.81
C SER B 70 -19.91 20.72 4.72
N PRO B 71 -20.57 20.77 3.57
CA PRO B 71 -20.22 19.78 2.53
C PRO B 71 -18.76 19.82 1.98
N GLU B 72 -18.14 20.98 1.96
CA GLU B 72 -16.78 21.10 1.45
C GLU B 72 -15.84 20.50 2.44
N LEU B 73 -16.05 20.72 3.73
CA LEU B 73 -15.26 19.99 4.67
C LEU B 73 -15.61 18.49 4.66
N LYS B 74 -16.87 18.13 4.41
CA LYS B 74 -17.23 16.71 4.33
C LYS B 74 -16.41 16.01 3.30
N SER B 75 -16.48 16.44 2.04
CA SER B 75 -15.87 15.61 1.00
C SER B 75 -14.34 15.76 1.04
N SER B 76 -13.89 16.87 1.57
CA SER B 76 -12.47 17.08 1.81
C SER B 76 -11.92 16.17 2.96
N VAL B 77 -12.72 15.91 3.97
CA VAL B 77 -12.37 14.84 4.90
C VAL B 77 -12.43 13.42 4.31
N VAL B 78 -13.34 13.10 3.37
CA VAL B 78 -13.31 11.72 2.84
C VAL B 78 -12.16 11.57 1.88
N SER B 79 -11.86 12.63 1.15
CA SER B 79 -10.71 12.62 0.28
C SER B 79 -9.42 12.31 1.11
N ASP B 80 -9.31 12.93 2.28
CA ASP B 80 -8.14 12.69 3.13
C ASP B 80 -8.10 11.25 3.60
N LEU B 81 -9.24 10.69 3.96
CA LEU B 81 -9.22 9.30 4.35
C LEU B 81 -8.75 8.37 3.22
N VAL B 82 -9.25 8.64 2.07
CA VAL B 82 -9.02 7.77 0.96
C VAL B 82 -7.55 7.80 0.56
N LEU B 83 -6.97 9.01 0.54
CA LEU B 83 -5.55 9.17 0.33
C LEU B 83 -4.74 8.35 1.38
N LEU B 84 -5.08 8.46 2.65
CA LEU B 84 -4.29 7.78 3.66
C LEU B 84 -4.31 6.22 3.42
N ALA B 85 -5.45 5.70 3.00
CA ALA B 85 -5.55 4.28 2.73
C ALA B 85 -4.73 3.93 1.49
N CYS B 86 -4.83 4.73 0.43
CA CYS B 86 -4.04 4.45 -0.77
C CYS B 86 -2.55 4.45 -0.45
N VAL B 87 -2.16 5.36 0.42
CA VAL B 87 -0.75 5.59 0.73
C VAL B 87 -0.22 4.60 1.77
N GLY B 88 -1.07 3.75 2.32
CA GLY B 88 -0.56 2.66 3.14
C GLY B 88 -0.90 2.58 4.61
N LEU B 89 -1.59 3.60 5.12
CA LEU B 89 -2.07 3.62 6.50
C LEU B 89 -3.35 2.86 6.48
N ARG B 90 -3.83 2.47 7.64
CA ARG B 90 -5.07 1.74 7.71
C ARG B 90 -6.05 2.52 8.59
N PRO B 91 -6.79 3.44 7.98
CA PRO B 91 -7.65 4.32 8.74
C PRO B 91 -9.01 3.75 8.99
N ILE B 92 -9.61 4.20 10.11
CA ILE B 92 -10.95 3.84 10.54
C ILE B 92 -11.69 5.13 10.95
N LEU B 93 -12.88 5.31 10.38
CA LEU B 93 -13.74 6.43 10.64
C LEU B 93 -14.82 6.11 11.66
N VAL B 94 -14.90 6.94 12.69
CA VAL B 94 -15.98 6.91 13.63
C VAL B 94 -16.66 8.26 13.58
N HIS B 95 -17.97 8.29 13.51
CA HIS B 95 -18.62 9.56 13.32
C HIS B 95 -19.59 9.81 14.41
N GLY B 96 -19.96 11.07 14.55
CA GLY B 96 -21.02 11.47 15.43
C GLY B 96 -22.27 11.83 14.63
N GLY B 97 -22.99 12.84 15.08
CA GLY B 97 -24.15 13.37 14.35
C GLY B 97 -25.22 14.04 15.20
N GLY B 98 -24.84 14.69 16.29
CA GLY B 98 -25.81 15.28 17.20
C GLY B 98 -26.71 16.33 16.54
N PRO B 99 -26.14 17.18 15.65
CA PRO B 99 -27.00 18.14 15.01
C PRO B 99 -28.14 17.54 14.16
N ASP B 100 -27.97 16.38 13.55
CA ASP B 100 -29.00 15.89 12.62
C ASP B 100 -30.06 15.19 13.45
N ILE B 101 -29.61 14.53 14.50
CA ILE B 101 -30.52 14.00 15.51
C ILE B 101 -31.45 15.09 16.08
N ASN B 102 -30.90 16.23 16.43
CA ASN B 102 -31.71 17.29 16.99
C ASN B 102 -32.79 17.75 16.01
N ARG B 103 -32.43 17.87 14.74
CA ARG B 103 -33.40 18.24 13.70
C ARG B 103 -34.63 17.31 13.69
N TYR B 104 -34.41 15.99 13.78
CA TYR B 104 -35.52 15.07 13.75
C TYR B 104 -36.34 15.15 15.04
N LEU B 105 -35.64 15.28 16.17
CA LEU B 105 -36.34 15.43 17.44
C LEU B 105 -37.23 16.73 17.44
N LYS B 106 -36.82 17.79 16.77
CA LYS B 106 -37.64 18.94 16.80
C LYS B 106 -38.84 18.65 16.00
N GLN B 107 -38.67 18.04 14.80
CA GLN B 107 -39.75 17.69 13.88
C GLN B 107 -40.77 16.88 14.62
N LEU B 108 -40.36 15.97 15.49
CA LEU B 108 -41.29 15.10 16.18
C LEU B 108 -41.74 15.63 17.53
N ASN B 109 -41.54 16.92 17.76
CA ASN B 109 -41.92 17.54 19.04
C ASN B 109 -41.44 16.80 20.30
N ILE B 110 -40.29 16.15 20.24
CA ILE B 110 -39.64 15.57 21.42
C ILE B 110 -38.20 16.13 21.51
N PRO B 111 -38.09 17.45 21.76
CA PRO B 111 -36.80 18.15 21.63
C PRO B 111 -35.71 17.61 22.52
N ALA B 112 -34.49 17.84 22.07
CA ALA B 112 -33.29 17.37 22.79
C ALA B 112 -33.25 17.85 24.21
N GLU B 113 -32.71 17.00 25.08
CA GLU B 113 -32.30 17.36 26.43
C GLU B 113 -30.87 16.82 26.66
N PHE B 114 -29.98 17.71 27.09
CA PHE B 114 -28.56 17.43 27.39
C PHE B 114 -28.18 17.69 28.85
N ARG B 115 -27.38 16.80 29.44
CA ARG B 115 -26.63 17.12 30.67
C ARG B 115 -25.15 16.80 30.55
N ASP B 116 -24.30 17.79 30.83
CA ASP B 116 -22.84 17.72 30.67
C ASP B 116 -22.42 17.07 29.39
N GLY B 117 -23.05 17.44 28.28
CA GLY B 117 -22.61 17.03 26.95
C GLY B 117 -23.15 15.70 26.51
N LEU B 118 -23.91 15.05 27.36
CA LEU B 118 -24.51 13.77 27.02
C LEU B 118 -26.04 13.87 26.82
N ARG B 119 -26.60 13.20 25.82
CA ARG B 119 -28.02 13.33 25.53
C ARG B 119 -28.85 12.42 26.39
N VAL B 120 -29.86 12.99 27.01
CA VAL B 120 -30.83 12.21 27.77
C VAL B 120 -31.65 11.41 26.77
N THR B 121 -31.71 10.10 26.98
CA THR B 121 -32.14 9.18 25.95
C THR B 121 -33.15 8.14 26.48
N ASP B 122 -34.44 8.45 26.33
CA ASP B 122 -35.50 7.46 26.57
C ASP B 122 -35.60 6.52 25.37
N ALA B 123 -36.49 5.55 25.49
CA ALA B 123 -36.64 4.53 24.47
C ALA B 123 -37.01 5.10 23.10
N THR B 124 -37.92 6.07 23.07
CA THR B 124 -38.32 6.68 21.82
C THR B 124 -37.14 7.39 21.22
N THR B 125 -36.43 8.17 22.03
CA THR B 125 -35.29 8.92 21.53
C THR B 125 -34.18 7.98 21.02
N MET B 126 -33.98 6.89 21.73
CA MET B 126 -32.98 5.90 21.31
C MET B 126 -33.27 5.46 19.91
N GLU B 127 -34.54 5.18 19.60
CA GLU B 127 -34.87 4.69 18.28
C GLU B 127 -34.56 5.75 17.20
N ILE B 128 -34.78 7.01 17.54
CA ILE B 128 -34.49 8.05 16.58
C ILE B 128 -32.98 8.23 16.40
N VAL B 129 -32.24 8.13 17.49
CA VAL B 129 -30.78 8.21 17.44
C VAL B 129 -30.23 7.13 16.51
N SER B 130 -30.60 5.88 16.73
CA SER B 130 -30.13 4.81 15.86
C SER B 130 -30.59 5.07 14.40
N MET B 131 -31.81 5.50 14.22
CA MET B 131 -32.29 5.79 12.88
C MET B 131 -31.43 6.79 12.15
N VAL B 132 -31.01 7.85 12.81
CA VAL B 132 -30.27 8.92 12.13
C VAL B 132 -28.77 8.56 11.96
N LEU B 133 -28.17 8.06 13.01
CA LEU B 133 -26.72 7.86 12.99
C LEU B 133 -26.40 6.80 12.00
N VAL B 134 -27.11 5.67 12.11
CA VAL B 134 -26.84 4.52 11.27
C VAL B 134 -27.45 4.68 9.87
N GLY B 135 -28.69 5.13 9.80
CA GLY B 135 -29.45 5.02 8.53
C GLY B 135 -29.36 6.21 7.63
N LYS B 136 -29.00 7.34 8.25
CA LYS B 136 -28.64 8.56 7.51
C LYS B 136 -27.12 8.91 7.46
N VAL B 137 -26.47 9.18 8.59
CA VAL B 137 -25.10 9.70 8.55
C VAL B 137 -24.13 8.62 8.08
N ASN B 138 -24.14 7.50 8.75
CA ASN B 138 -23.25 6.38 8.41
C ASN B 138 -23.30 6.04 6.92
N LYS B 139 -24.50 5.93 6.36
CA LYS B 139 -24.58 5.53 4.99
C LYS B 139 -24.23 6.67 4.09
N ASN B 140 -24.42 7.90 4.52
CA ASN B 140 -24.09 9.04 3.67
C ASN B 140 -22.58 9.02 3.47
N LEU B 141 -21.86 8.75 4.56
CA LEU B 141 -20.40 8.71 4.52
C LEU B 141 -19.88 7.51 3.74
N VAL B 142 -20.43 6.33 3.98
CA VAL B 142 -20.09 5.18 3.15
C VAL B 142 -20.29 5.49 1.65
N SER B 143 -21.40 6.09 1.36
CA SER B 143 -21.80 6.36 0.04
C SER B 143 -20.80 7.28 -0.65
N LEU B 144 -20.23 8.20 0.13
CA LEU B 144 -19.35 9.20 -0.46
C LEU B 144 -17.97 8.61 -0.75
N ILE B 145 -17.47 7.85 0.20
CA ILE B 145 -16.24 7.17 0.05
C ILE B 145 -16.30 6.22 -1.17
N ASN B 146 -17.41 5.49 -1.32
CA ASN B 146 -17.55 4.55 -2.42
C ASN B 146 -17.44 5.35 -3.71
N ALA B 147 -18.08 6.51 -3.74
CA ALA B 147 -18.04 7.30 -4.96
C ALA B 147 -16.73 8.04 -5.17
N ALA B 148 -15.84 8.05 -4.18
CA ALA B 148 -14.49 8.64 -4.32
C ALA B 148 -13.45 7.60 -4.75
N GLY B 149 -13.93 6.42 -5.17
CA GLY B 149 -13.05 5.36 -5.69
C GLY B 149 -12.39 4.45 -4.68
N ALA B 150 -12.96 4.31 -3.49
CA ALA B 150 -12.49 3.41 -2.48
C ALA B 150 -13.71 2.60 -2.14
N THR B 151 -13.70 1.84 -1.06
CA THR B 151 -14.88 1.08 -0.70
C THR B 151 -15.11 0.95 0.78
N ALA B 152 -16.27 1.35 1.25
CA ALA B 152 -16.42 1.45 2.69
C ALA B 152 -17.39 0.42 3.14
N VAL B 153 -17.35 0.10 4.42
CA VAL B 153 -18.34 -0.75 5.06
C VAL B 153 -18.76 -0.09 6.36
N GLY B 154 -20.03 0.29 6.44
CA GLY B 154 -20.51 0.92 7.64
C GLY B 154 -21.03 -0.10 8.65
N LEU B 155 -20.54 0.01 9.86
CA LEU B 155 -20.98 -0.80 10.97
C LEU B 155 -21.48 0.03 12.16
N SER B 156 -22.46 -0.51 12.88
CA SER B 156 -22.74 -0.07 14.25
C SER B 156 -22.08 -1.04 15.22
N GLY B 157 -22.08 -0.68 16.49
CA GLY B 157 -21.65 -1.61 17.51
C GLY B 157 -22.42 -2.94 17.57
N HIS B 158 -23.64 -3.05 17.03
CA HIS B 158 -24.33 -4.34 17.08
C HIS B 158 -23.73 -5.31 16.09
N ASP B 159 -23.21 -4.76 15.01
CA ASP B 159 -22.77 -5.57 13.89
C ASP B 159 -21.48 -6.37 14.20
N GLY B 160 -21.56 -7.68 14.11
CA GLY B 160 -20.43 -8.49 14.58
C GLY B 160 -20.12 -8.36 16.06
N ARG B 161 -21.04 -7.75 16.82
CA ARG B 161 -20.86 -7.51 18.24
C ARG B 161 -19.58 -6.73 18.48
N LEU B 162 -19.34 -5.77 17.60
CA LEU B 162 -18.15 -4.98 17.63
C LEU B 162 -18.00 -4.29 18.98
N LEU B 163 -19.14 -3.84 19.57
CA LEU B 163 -19.19 -3.13 20.85
C LEU B 163 -20.25 -3.75 21.68
N THR B 164 -19.98 -3.89 22.98
CA THR B 164 -20.99 -4.23 23.94
C THR B 164 -21.07 -3.12 24.97
N ALA B 165 -22.27 -2.60 25.16
CA ALA B 165 -22.53 -1.49 26.05
C ALA B 165 -22.93 -1.92 27.46
N ARG B 166 -22.86 -0.98 28.38
CA ARG B 166 -23.58 -1.10 29.64
C ARG B 166 -24.03 0.27 30.08
N PRO B 167 -25.05 0.35 30.95
CA PRO B 167 -25.51 1.66 31.40
C PRO B 167 -24.37 2.44 32.04
N VAL B 168 -24.40 3.70 31.72
CA VAL B 168 -23.45 4.73 32.17
C VAL B 168 -23.70 5.04 33.66
N PRO B 169 -22.71 5.59 34.35
CA PRO B 169 -22.93 5.66 35.84
C PRO B 169 -24.17 6.48 36.28
N ASN B 170 -24.60 7.36 35.39
CA ASN B 170 -25.69 8.28 35.58
C ASN B 170 -26.95 7.86 34.81
N SER B 171 -27.16 6.55 34.59
CA SER B 171 -28.34 6.07 33.81
C SER B 171 -29.58 6.69 34.37
N ALA B 172 -29.56 6.85 35.69
CA ALA B 172 -30.77 7.21 36.37
C ALA B 172 -31.31 8.50 35.75
N GLN B 173 -30.45 9.41 35.32
CA GLN B 173 -30.87 10.62 34.59
C GLN B 173 -30.82 10.56 33.05
N LEU B 174 -29.85 9.85 32.51
CA LEU B 174 -29.65 9.84 31.08
C LEU B 174 -30.40 8.76 30.37
N GLY B 175 -30.80 7.74 31.11
CA GLY B 175 -31.59 6.66 30.55
C GLY B 175 -30.65 5.77 29.82
N PHE B 176 -30.90 5.59 28.53
CA PHE B 176 -30.16 4.63 27.70
C PHE B 176 -28.86 5.20 27.10
N VAL B 177 -28.02 5.76 27.95
CA VAL B 177 -26.72 6.16 27.49
C VAL B 177 -25.69 5.14 27.96
N GLY B 178 -24.80 4.77 27.05
CA GLY B 178 -23.92 3.66 27.32
C GLY B 178 -22.47 4.00 27.44
N GLU B 179 -21.83 3.27 28.34
CA GLU B 179 -20.39 3.11 28.41
C GLU B 179 -20.03 1.81 27.66
N VAL B 180 -18.80 1.75 27.15
CA VAL B 180 -18.33 0.60 26.41
C VAL B 180 -17.80 -0.45 27.39
N ALA B 181 -18.47 -1.61 27.45
CA ALA B 181 -18.08 -2.70 28.32
C ALA B 181 -17.07 -3.60 27.62
N ARG B 182 -17.30 -3.86 26.33
CA ARG B 182 -16.42 -4.69 25.50
C ARG B 182 -16.26 -4.17 24.08
N VAL B 183 -15.09 -4.39 23.52
CA VAL B 183 -14.85 -4.25 22.09
C VAL B 183 -14.38 -5.61 21.56
N ASP B 184 -15.05 -6.13 20.51
CA ASP B 184 -14.61 -7.31 19.79
C ASP B 184 -14.35 -6.97 18.34
N PRO B 185 -13.08 -6.87 17.98
CA PRO B 185 -12.73 -6.38 16.67
C PRO B 185 -12.60 -7.46 15.59
N SER B 186 -12.90 -8.69 15.94
CA SER B 186 -12.87 -9.80 14.99
C SER B 186 -13.40 -9.38 13.63
N VAL B 187 -14.61 -8.81 13.62
CA VAL B 187 -15.30 -8.51 12.40
C VAL B 187 -14.53 -7.48 11.56
N LEU B 188 -13.65 -6.69 12.15
CA LEU B 188 -12.86 -5.75 11.34
C LEU B 188 -11.62 -6.35 10.68
N ARG B 189 -11.16 -7.50 11.17
CA ARG B 189 -9.91 -8.11 10.67
C ARG B 189 -10.08 -8.42 9.16
N PRO B 190 -11.05 -9.26 8.81
CA PRO B 190 -11.18 -9.55 7.40
C PRO B 190 -11.56 -8.35 6.53
N LEU B 191 -12.19 -7.32 7.10
CA LEU B 191 -12.59 -6.16 6.28
C LEU B 191 -11.38 -5.31 5.95
N VAL B 192 -10.49 -5.14 6.89
CA VAL B 192 -9.25 -4.45 6.55
C VAL B 192 -8.32 -5.27 5.60
N ASP B 193 -8.32 -6.60 5.74
CA ASP B 193 -7.58 -7.50 4.86
C ASP B 193 -8.06 -7.41 3.43
N TYR B 194 -9.35 -7.56 3.23
CA TYR B 194 -9.95 -7.29 1.93
C TYR B 194 -9.77 -5.85 1.46
N GLY B 195 -9.09 -4.97 2.22
CA GLY B 195 -8.98 -3.55 1.80
C GLY B 195 -10.17 -2.54 2.03
N TYR B 196 -11.29 -2.96 2.62
CA TYR B 196 -12.39 -2.06 2.93
C TYR B 196 -12.05 -1.02 4.01
N ILE B 197 -12.58 0.20 3.87
CA ILE B 197 -12.48 1.23 4.90
C ILE B 197 -13.70 1.23 5.83
N PRO B 198 -13.50 0.90 7.10
CA PRO B 198 -14.64 0.78 8.01
C PRO B 198 -15.13 2.16 8.52
N VAL B 199 -16.45 2.32 8.63
CA VAL B 199 -17.06 3.57 9.05
C VAL B 199 -18.02 3.23 10.16
N ILE B 200 -17.78 3.72 11.36
CA ILE B 200 -18.44 3.20 12.56
C ILE B 200 -19.41 4.20 13.19
N ALA B 201 -20.60 3.70 13.52
CA ALA B 201 -21.64 4.48 14.17
C ALA B 201 -21.80 4.08 15.65
N SER B 202 -21.94 5.09 16.54
CA SER B 202 -21.75 4.91 17.97
C SER B 202 -22.99 4.44 18.72
N VAL B 203 -23.70 3.44 18.19
CA VAL B 203 -24.75 2.78 18.97
C VAL B 203 -24.44 1.34 19.16
N ALA B 204 -25.00 0.74 20.20
CA ALA B 204 -24.76 -0.67 20.53
C ALA B 204 -25.77 -1.27 21.49
N ALA B 205 -25.60 -2.50 21.93
CA ALA B 205 -26.49 -3.12 22.87
C ALA B 205 -25.77 -3.81 24.01
N ASP B 206 -26.50 -4.05 25.10
CA ASP B 206 -25.95 -4.90 26.17
C ASP B 206 -26.20 -6.33 25.79
N ASP B 207 -25.87 -7.25 26.67
CA ASP B 207 -25.94 -8.65 26.29
C ASP B 207 -27.40 -9.09 26.20
N SER B 208 -28.22 -8.48 27.04
CA SER B 208 -29.64 -8.79 27.05
C SER B 208 -30.32 -8.26 25.76
N GLY B 209 -29.68 -7.36 25.05
CA GLY B 209 -30.18 -7.02 23.73
C GLY B 209 -30.80 -5.66 23.69
N GLN B 210 -30.61 -4.87 24.74
CA GLN B 210 -31.10 -3.51 24.82
C GLN B 210 -30.17 -2.50 24.16
N ALA B 211 -30.69 -1.58 23.36
CA ALA B 211 -29.84 -0.57 22.75
C ALA B 211 -29.52 0.55 23.68
N TYR B 212 -28.29 1.07 23.47
CA TYR B 212 -27.71 2.22 24.15
C TYR B 212 -27.06 3.18 23.18
N ASN B 213 -27.07 4.45 23.56
CA ASN B 213 -26.47 5.54 22.79
C ASN B 213 -25.15 5.83 23.45
N ILE B 214 -24.07 5.74 22.69
CA ILE B 214 -22.74 5.96 23.28
C ILE B 214 -22.08 7.13 22.61
N ASN B 215 -21.41 7.95 23.39
CA ASN B 215 -20.79 9.13 22.85
C ASN B 215 -19.71 8.70 21.87
N ALA B 216 -19.68 9.32 20.68
CA ALA B 216 -18.75 8.84 19.61
C ALA B 216 -17.30 9.07 19.87
N ASP B 217 -16.94 10.06 20.67
CA ASP B 217 -15.50 10.19 21.09
C ASP B 217 -15.04 8.96 21.87
N THR B 218 -15.87 8.55 22.81
CA THR B 218 -15.60 7.36 23.61
C THR B 218 -15.45 6.09 22.77
N VAL B 219 -16.29 5.93 21.77
CA VAL B 219 -16.21 4.76 20.92
C VAL B 219 -14.89 4.79 20.15
N ALA B 220 -14.58 5.93 19.54
CA ALA B 220 -13.33 6.09 18.85
C ALA B 220 -12.13 5.77 19.75
N GLY B 221 -12.20 6.16 21.02
CA GLY B 221 -11.04 5.99 21.88
C GLY B 221 -10.84 4.54 22.29
N GLU B 222 -11.96 3.84 22.50
CA GLU B 222 -11.82 2.47 22.97
C GLU B 222 -11.53 1.56 21.82
N LEU B 223 -12.10 1.88 20.68
CA LEU B 223 -11.74 1.18 19.48
C LEU B 223 -10.25 1.31 19.17
N ALA B 224 -9.70 2.51 19.29
CA ALA B 224 -8.27 2.67 19.03
C ALA B 224 -7.47 1.74 19.94
N ALA B 225 -7.78 1.73 21.24
CA ALA B 225 -7.11 0.87 22.21
C ALA B 225 -7.30 -0.60 21.90
N ALA B 226 -8.51 -0.99 21.53
CA ALA B 226 -8.74 -2.37 21.12
C ALA B 226 -7.85 -2.87 19.94
N LEU B 227 -7.36 -1.96 19.09
CA LEU B 227 -6.61 -2.32 17.89
C LEU B 227 -5.15 -1.98 18.03
N GLY B 228 -4.76 -1.45 19.17
CA GLY B 228 -3.40 -0.99 19.30
C GLY B 228 -3.03 0.06 18.27
N ALA B 229 -3.93 0.97 17.98
CA ALA B 229 -3.65 1.91 16.94
C ALA B 229 -2.53 2.84 17.32
N GLU B 230 -1.92 3.39 16.30
CA GLU B 230 -0.86 4.33 16.49
C GLU B 230 -1.44 5.68 16.89
N LYS B 231 -2.52 6.07 16.24
CA LYS B 231 -3.08 7.38 16.49
C LYS B 231 -4.58 7.33 16.70
N LEU B 232 -5.05 8.27 17.50
CA LEU B 232 -6.43 8.61 17.64
C LEU B 232 -6.47 10.08 17.28
N ILE B 233 -7.35 10.46 16.36
CA ILE B 233 -7.47 11.84 15.95
C ILE B 233 -8.91 12.30 16.03
N LEU B 234 -9.12 13.43 16.71
CA LEU B 234 -10.48 13.96 16.96
C LEU B 234 -10.69 15.29 16.30
N LEU B 235 -11.64 15.36 15.35
CA LEU B 235 -11.95 16.61 14.69
C LEU B 235 -13.00 17.30 15.54
N THR B 236 -12.62 18.49 16.01
CA THR B 236 -13.45 19.30 16.90
C THR B 236 -13.59 20.61 16.21
N ASP B 237 -14.23 21.58 16.89
CA ASP B 237 -14.41 22.94 16.40
C ASP B 237 -13.50 23.93 17.09
N VAL B 238 -12.34 23.50 17.59
CA VAL B 238 -11.34 24.47 18.13
C VAL B 238 -9.93 24.21 17.60
N ALA B 239 -8.97 25.05 17.96
CA ALA B 239 -7.55 24.87 17.56
C ALA B 239 -6.83 23.73 18.31
N GLY B 240 -7.55 23.18 19.29
CA GLY B 240 -7.02 22.24 20.26
C GLY B 240 -6.98 22.85 21.64
N ILE B 241 -5.86 22.65 22.32
CA ILE B 241 -5.74 23.05 23.70
C ILE B 241 -4.89 24.31 23.86
N LEU B 242 -5.44 25.28 24.58
CA LEU B 242 -4.77 26.53 24.73
C LEU B 242 -4.31 26.65 26.18
N GLU B 243 -3.20 27.38 26.36
CA GLU B 243 -2.68 27.86 27.65
C GLU B 243 -3.80 28.50 28.46
N ASN B 244 -4.47 29.42 27.78
CA ASN B 244 -5.44 30.29 28.36
C ASN B 244 -6.54 30.53 27.32
N LYS B 245 -7.76 30.05 27.61
CA LYS B 245 -8.85 29.88 26.61
C LYS B 245 -9.25 31.11 25.80
N GLU B 246 -8.99 32.30 26.35
CA GLU B 246 -9.37 33.54 25.69
C GLU B 246 -8.46 33.81 24.48
N ASP B 247 -7.14 33.64 24.66
CA ASP B 247 -6.16 33.80 23.57
C ASP B 247 -6.07 32.53 22.66
N PRO B 248 -6.46 32.64 21.36
CA PRO B 248 -6.35 31.49 20.42
C PRO B 248 -4.95 31.20 19.86
N SER B 249 -4.00 32.12 20.01
CA SER B 249 -2.61 31.84 19.64
C SER B 249 -1.80 31.15 20.78
N SER B 250 -2.46 30.81 21.89
CA SER B 250 -1.79 30.08 22.99
C SER B 250 -1.93 28.55 22.85
N LEU B 251 -2.03 28.08 21.59
CA LEU B 251 -2.08 26.65 21.22
C LEU B 251 -0.90 25.86 21.76
N ILE B 252 -1.17 24.78 22.46
CA ILE B 252 -0.15 23.83 22.86
C ILE B 252 -0.02 22.80 21.73
N LYS B 253 1.20 22.70 21.18
CA LYS B 253 1.46 21.91 19.99
C LYS B 253 1.57 20.44 20.37
N GLU B 254 2.31 20.19 21.45
CA GLU B 254 2.49 18.84 21.98
C GLU B 254 2.56 18.78 23.55
N ILE B 255 2.03 17.72 24.14
CA ILE B 255 1.97 17.58 25.60
C ILE B 255 1.77 16.12 26.03
N ASP B 256 2.27 15.75 27.20
CA ASP B 256 2.23 14.34 27.68
C ASP B 256 1.08 14.20 28.68
N ILE B 257 0.81 12.98 29.18
CA ILE B 257 -0.29 12.80 30.18
C ILE B 257 -0.12 13.65 31.49
N LYS B 258 1.00 13.46 32.22
CA LYS B 258 1.17 14.14 33.52
C LYS B 258 0.91 15.63 33.31
N GLY B 259 1.37 16.16 32.16
CA GLY B 259 1.28 17.59 31.84
C GLY B 259 -0.15 18.08 31.64
N VAL B 260 -0.98 17.24 31.02
CA VAL B 260 -2.34 17.58 30.65
C VAL B 260 -3.27 17.33 31.83
N LYS B 261 -2.97 16.32 32.64
CA LYS B 261 -3.65 16.16 33.95
C LYS B 261 -3.48 17.40 34.90
N LYS B 262 -2.23 17.88 35.09
CA LYS B 262 -2.00 19.10 35.87
C LYS B 262 -2.87 20.25 35.31
N MET B 263 -3.08 20.29 33.97
CA MET B 263 -3.92 21.33 33.35
C MET B 263 -5.41 21.28 33.74
N ILE B 264 -5.93 20.08 33.97
CA ILE B 264 -7.32 19.93 34.38
C ILE B 264 -7.40 20.37 35.82
N GLU B 265 -6.55 19.79 36.67
CA GLU B 265 -6.38 20.18 38.09
C GLU B 265 -6.31 21.70 38.25
N ASP B 266 -5.36 22.32 37.55
CA ASP B 266 -5.12 23.77 37.62
C ASP B 266 -6.17 24.61 36.89
N GLY B 267 -7.25 24.01 36.39
CA GLY B 267 -8.32 24.73 35.70
C GLY B 267 -8.03 25.22 34.29
N LYS B 268 -6.75 25.36 33.91
CA LYS B 268 -6.29 26.13 32.70
C LYS B 268 -6.89 25.69 31.33
N VAL B 269 -7.43 24.46 31.25
CA VAL B 269 -8.46 24.18 30.29
C VAL B 269 -9.65 23.56 31.00
N ALA B 270 -10.81 23.76 30.37
CA ALA B 270 -12.10 23.45 30.99
C ALA B 270 -13.17 23.33 29.91
N GLY B 271 -14.39 23.03 30.35
CA GLY B 271 -15.56 23.17 29.53
C GLY B 271 -15.84 21.91 28.74
N GLY B 272 -16.23 22.12 27.47
CA GLY B 272 -16.45 21.07 26.48
C GLY B 272 -15.22 20.25 26.11
N MET B 273 -14.07 20.67 26.65
CA MET B 273 -12.79 20.05 26.37
C MET B 273 -12.38 19.00 27.39
N ILE B 274 -12.81 19.16 28.65
CA ILE B 274 -12.44 18.15 29.65
C ILE B 274 -12.83 16.68 29.28
N PRO B 275 -14.04 16.41 28.71
CA PRO B 275 -14.34 15.00 28.32
C PRO B 275 -13.43 14.45 27.21
N LYS B 276 -13.25 15.25 26.16
CA LYS B 276 -12.36 14.97 25.03
C LYS B 276 -10.98 14.57 25.49
N VAL B 277 -10.49 15.30 26.45
CA VAL B 277 -9.16 15.06 26.99
C VAL B 277 -9.15 13.79 27.83
N LYS B 278 -10.27 13.47 28.46
CA LYS B 278 -10.39 12.23 29.24
C LYS B 278 -10.31 11.05 28.34
N CYS B 279 -10.99 11.09 27.17
CA CYS B 279 -10.97 9.90 26.30
C CYS B 279 -9.58 9.73 25.61
N CYS B 280 -8.86 10.82 25.39
CA CYS B 280 -7.48 10.70 25.00
C CYS B 280 -6.64 9.99 26.09
N ILE B 281 -6.84 10.33 27.36
CA ILE B 281 -6.01 9.78 28.41
C ILE B 281 -6.28 8.28 28.56
N ARG B 282 -7.54 7.92 28.43
CA ARG B 282 -7.97 6.57 28.71
C ARG B 282 -7.44 5.66 27.62
N SER B 283 -7.23 6.29 26.46
CA SER B 283 -6.88 5.62 25.28
C SER B 283 -5.37 5.40 25.28
N LEU B 284 -4.63 6.49 25.49
CA LEU B 284 -3.20 6.43 25.66
C LEU B 284 -2.76 5.42 26.72
N ALA B 285 -3.47 5.38 27.85
CA ALA B 285 -3.06 4.49 28.94
C ALA B 285 -3.29 3.04 28.59
N GLN B 286 -4.13 2.80 27.59
CA GLN B 286 -4.29 1.45 27.12
C GLN B 286 -3.39 1.08 25.94
N GLY B 287 -2.43 1.94 25.59
CA GLY B 287 -1.46 1.59 24.56
C GLY B 287 -1.52 2.36 23.24
N VAL B 288 -2.52 3.22 23.02
CA VAL B 288 -2.54 4.02 21.82
C VAL B 288 -1.33 4.92 21.92
N LYS B 289 -0.53 5.03 20.84
CA LYS B 289 0.79 5.77 20.91
C LYS B 289 0.58 7.28 20.95
N THR B 290 -0.36 7.81 20.19
CA THR B 290 -0.63 9.23 20.21
C THR B 290 -2.11 9.55 20.09
N ALA B 291 -2.45 10.77 20.52
CA ALA B 291 -3.80 11.25 20.39
C ALA B 291 -3.83 12.74 20.16
N SER B 292 -4.52 13.19 19.10
CA SER B 292 -4.54 14.59 18.75
C SER B 292 -5.97 15.16 18.63
N ILE B 293 -6.10 16.43 18.98
CA ILE B 293 -7.34 17.14 18.94
C ILE B 293 -7.09 18.28 18.02
N ILE B 294 -7.88 18.39 16.97
CA ILE B 294 -7.50 19.26 15.87
C ILE B 294 -8.69 19.93 15.35
N ASP B 295 -8.39 20.90 14.52
CA ASP B 295 -9.37 21.83 14.12
C ASP B 295 -10.09 21.37 12.85
N GLY B 296 -11.17 20.60 13.02
CA GLY B 296 -12.01 20.16 11.88
C GLY B 296 -12.58 21.24 10.97
N ARG B 297 -12.51 22.49 11.43
CA ARG B 297 -12.92 23.63 10.68
C ARG B 297 -12.06 23.89 9.45
N ARG B 298 -10.74 23.74 9.61
CA ARG B 298 -9.80 23.88 8.49
C ARG B 298 -9.87 22.75 7.41
N GLN B 299 -9.90 23.15 6.14
CA GLN B 299 -9.68 22.29 4.97
C GLN B 299 -8.50 21.38 5.20
N HIS B 300 -8.73 20.08 5.00
CA HIS B 300 -7.65 19.08 4.98
C HIS B 300 -6.88 18.93 6.30
N SER B 301 -7.56 19.25 7.39
CA SER B 301 -6.97 19.16 8.70
C SER B 301 -6.32 17.79 8.96
N LEU B 302 -7.02 16.73 8.59
CA LEU B 302 -6.52 15.37 8.80
C LEU B 302 -5.18 15.11 8.10
N LEU B 303 -5.08 15.49 6.84
CA LEU B 303 -3.78 15.48 6.19
C LEU B 303 -2.74 16.31 6.86
N HIS B 304 -3.02 17.55 7.27
CA HIS B 304 -1.97 18.36 7.94
C HIS B 304 -1.44 17.67 9.17
N GLU B 305 -2.34 17.06 9.91
CA GLU B 305 -1.94 16.49 11.14
C GLU B 305 -0.95 15.36 10.91
N ILE B 306 -1.22 14.47 9.95
CA ILE B 306 -0.29 13.40 9.62
C ILE B 306 0.90 13.73 8.71
N MET B 307 0.70 14.54 7.68
CA MET B 307 1.75 14.75 6.69
C MET B 307 2.56 15.99 6.98
N SER B 308 2.71 16.35 8.24
CA SER B 308 3.58 17.47 8.59
C SER B 308 4.06 17.38 10.03
N ASP B 309 5.19 18.03 10.31
CA ASP B 309 5.83 17.95 11.60
C ASP B 309 5.04 18.81 12.54
N GLU B 310 4.75 20.01 12.08
CA GLU B 310 3.97 20.92 12.87
C GLU B 310 2.66 20.27 13.36
N GLY B 311 1.92 19.60 12.48
CA GLY B 311 0.60 19.02 12.84
C GLY B 311 -0.49 20.07 12.67
N ALA B 312 -1.73 19.73 13.04
CA ALA B 312 -2.86 20.71 12.94
C ALA B 312 -3.75 20.81 14.20
N GLY B 313 -3.14 20.65 15.37
CA GLY B 313 -3.79 20.90 16.64
C GLY B 313 -2.89 20.50 17.81
N THR B 314 -3.53 20.02 18.86
CA THR B 314 -2.82 19.67 20.06
C THR B 314 -2.60 18.18 20.01
N MET B 315 -1.35 17.75 20.19
CA MET B 315 -1.00 16.33 20.27
C MET B 315 -0.68 15.94 21.67
N ILE B 316 -1.08 14.75 22.10
CA ILE B 316 -0.89 14.29 23.46
C ILE B 316 -0.24 12.88 23.48
N THR B 317 0.97 12.80 24.02
CA THR B 317 1.73 11.53 24.04
C THR B 317 1.63 10.82 25.41
N GLY B 318 1.97 9.53 25.43
CA GLY B 318 2.16 8.81 26.70
C GLY B 318 3.50 9.17 27.30
N LEU C 3 6.48 9.99 44.82
CA LEU C 3 6.90 8.84 43.89
C LEU C 3 8.40 8.74 43.68
N GLU C 4 8.98 9.88 43.29
CA GLU C 4 10.44 10.02 43.22
C GLU C 4 11.08 9.99 44.65
N SER C 5 10.27 9.86 45.72
CA SER C 5 10.79 9.60 47.08
C SER C 5 10.03 8.50 47.93
N ILE C 6 9.73 7.38 47.30
CA ILE C 6 9.27 6.19 48.00
C ILE C 6 10.39 5.62 48.85
N GLN C 7 10.05 5.03 49.99
CA GLN C 7 11.06 4.35 50.81
C GLN C 7 10.62 2.99 51.29
N CYS C 8 11.31 1.97 50.79
CA CYS C 8 10.97 0.59 51.11
C CYS C 8 11.47 0.24 52.47
N ASP C 9 10.71 -0.58 53.16
CA ASP C 9 11.05 -1.05 54.49
C ASP C 9 11.74 -2.46 54.46
N LEU C 10 13.06 -2.46 54.68
CA LEU C 10 13.87 -3.68 54.67
C LEU C 10 14.27 -4.12 56.08
N SER C 11 13.63 -3.53 57.08
CA SER C 11 14.02 -3.69 58.48
C SER C 11 13.73 -5.10 59.06
N ALA C 12 12.88 -5.91 58.43
CA ALA C 12 12.72 -7.30 58.84
C ALA C 12 13.83 -8.22 58.25
N PHE C 13 14.75 -7.65 57.47
CA PHE C 13 15.78 -8.46 56.84
C PHE C 13 17.15 -7.86 57.06
N PRO C 14 17.50 -7.69 58.33
CA PRO C 14 18.80 -7.11 58.59
C PRO C 14 19.79 -8.17 58.25
N GLY C 15 20.97 -7.76 57.80
CA GLY C 15 21.99 -8.71 57.39
C GLY C 15 21.97 -9.00 55.92
N VAL C 16 20.78 -8.97 55.33
CA VAL C 16 20.59 -9.41 53.94
C VAL C 16 21.15 -8.41 52.94
N LYS C 17 21.94 -8.88 51.97
CA LYS C 17 22.70 -7.96 51.09
C LYS C 17 22.02 -7.67 49.76
N PHE C 18 21.12 -8.57 49.35
CA PHE C 18 20.54 -8.57 48.01
C PHE C 18 19.02 -8.64 48.06
N PHE C 19 18.37 -7.91 47.18
CA PHE C 19 16.93 -8.02 47.12
C PHE C 19 16.51 -8.11 45.67
N ARG C 20 15.36 -8.74 45.46
CA ARG C 20 14.74 -8.86 44.13
C ARG C 20 13.57 -7.91 44.05
N ILE C 21 13.66 -6.97 43.12
CA ILE C 21 12.57 -6.09 42.82
C ILE C 21 11.74 -6.70 41.70
N GLU C 22 10.50 -7.05 42.02
CA GLU C 22 9.61 -7.70 41.06
C GLU C 22 8.48 -6.68 40.73
N ALA C 23 8.47 -6.19 39.49
CA ALA C 23 7.49 -5.21 39.08
C ALA C 23 6.53 -5.80 38.06
N ILE C 24 5.25 -5.56 38.26
CA ILE C 24 4.20 -5.97 37.34
C ILE C 24 3.39 -4.77 36.79
N PHE C 25 3.44 -4.52 35.49
CA PHE C 25 2.82 -3.30 34.93
C PHE C 25 2.27 -3.47 33.49
N ARG C 26 1.86 -2.38 32.87
CA ARG C 26 1.23 -2.43 31.57
C ARG C 26 2.19 -2.81 30.43
N PRO C 27 1.79 -3.77 29.59
CA PRO C 27 2.70 -4.28 28.60
C PRO C 27 3.36 -3.23 27.70
N TRP C 28 2.63 -2.22 27.29
CA TRP C 28 3.22 -1.22 26.43
C TRP C 28 4.24 -0.29 27.14
N ARG C 29 4.29 -0.34 28.46
CA ARG C 29 5.35 0.36 29.19
C ARG C 29 6.72 -0.29 29.18
N LEU C 30 6.76 -1.56 28.89
CA LEU C 30 8.00 -2.35 29.00
C LEU C 30 9.21 -1.68 28.38
N PRO C 31 9.15 -1.29 27.13
CA PRO C 31 10.33 -0.62 26.60
C PRO C 31 10.71 0.68 27.31
N PHE C 32 9.75 1.52 27.73
CA PHE C 32 10.14 2.75 28.44
CA PHE C 32 10.02 2.75 28.48
C PHE C 32 10.82 2.41 29.76
N VAL C 33 10.32 1.42 30.49
CA VAL C 33 10.93 1.05 31.76
C VAL C 33 12.36 0.55 31.60
N ILE C 34 12.55 -0.38 30.69
CA ILE C 34 13.86 -0.92 30.37
C ILE C 34 14.87 0.14 29.94
N ASP C 35 14.41 1.16 29.22
CA ASP C 35 15.33 2.22 28.78
C ASP C 35 15.69 3.10 29.94
N THR C 36 14.74 3.33 30.83
CA THR C 36 15.01 4.21 31.94
C THR C 36 16.09 3.52 32.79
N LEU C 37 15.84 2.26 33.11
CA LEU C 37 16.81 1.50 33.89
C LEU C 37 18.19 1.43 33.20
N SER C 38 18.21 1.29 31.89
CA SER C 38 19.49 1.28 31.21
C SER C 38 20.23 2.62 31.39
N LYS C 39 19.55 3.76 31.18
CA LYS C 39 20.19 5.07 31.31
C LYS C 39 20.87 5.16 32.67
N TYR C 40 20.24 4.62 33.70
CA TYR C 40 20.80 4.70 35.06
C TYR C 40 21.69 3.54 35.51
N GLY C 41 22.15 2.71 34.59
CA GLY C 41 23.07 1.68 34.94
C GLY C 41 22.48 0.37 35.46
N ILE C 42 21.16 0.18 35.46
CA ILE C 42 20.59 -1.15 35.69
C ILE C 42 20.43 -1.94 34.40
N ARG C 43 21.33 -2.88 34.15
CA ARG C 43 21.30 -3.65 32.92
C ARG C 43 21.29 -5.18 33.08
N GLY C 44 20.97 -5.64 34.29
CA GLY C 44 20.74 -7.06 34.57
C GLY C 44 19.30 -7.14 35.04
N LEU C 45 18.43 -7.62 34.16
CA LEU C 45 17.01 -7.79 34.47
C LEU C 45 16.33 -8.95 33.65
N THR C 46 15.21 -9.45 34.15
CA THR C 46 14.52 -10.57 33.51
C THR C 46 13.02 -10.28 33.34
N ASN C 47 12.53 -10.42 32.12
CA ASN C 47 11.15 -10.15 31.76
C ASN C 47 10.38 -11.45 31.60
N THR C 48 9.19 -11.49 32.17
CA THR C 48 8.24 -12.56 31.88
C THR C 48 6.92 -11.93 31.56
N PRO C 49 6.30 -12.28 30.44
CA PRO C 49 4.87 -11.85 30.24
C PRO C 49 3.94 -12.68 31.14
N VAL C 50 2.96 -12.04 31.76
CA VAL C 50 2.11 -12.69 32.73
C VAL C 50 0.68 -12.18 32.58
N LYS C 51 -0.25 -12.68 33.37
CA LYS C 51 -1.59 -12.09 33.43
C LYS C 51 -1.97 -12.02 34.91
N GLY C 52 -2.85 -11.10 35.25
CA GLY C 52 -3.14 -10.85 36.62
C GLY C 52 -4.50 -10.26 36.86
N VAL C 53 -4.78 -10.02 38.12
CA VAL C 53 -6.03 -9.48 38.60
C VAL C 53 -5.69 -8.58 39.79
N GLY C 54 -6.29 -7.40 39.84
CA GLY C 54 -6.06 -6.46 40.91
C GLY C 54 -7.34 -5.69 41.04
N VAL C 55 -8.31 -6.34 41.69
CA VAL C 55 -9.66 -5.80 41.86
C VAL C 55 -9.86 -5.15 43.22
N GLN C 56 -9.90 -3.83 43.14
CA GLN C 56 -10.26 -2.98 44.24
C GLN C 56 -11.66 -2.49 44.10
N GLY C 57 -12.44 -2.73 45.15
CA GLY C 57 -13.84 -2.36 45.22
C GLY C 57 -14.62 -2.96 44.10
N GLY C 58 -15.43 -2.14 43.45
CA GLY C 58 -16.18 -2.57 42.29
C GLY C 58 -15.86 -1.85 40.99
N SER C 59 -14.68 -1.26 40.89
CA SER C 59 -14.29 -0.63 39.68
C SER C 59 -13.69 -1.73 38.82
N ARG C 60 -13.44 -1.40 37.56
CA ARG C 60 -13.10 -2.38 36.57
C ARG C 60 -12.11 -1.76 35.64
N GLU C 61 -10.96 -2.41 35.44
CA GLU C 61 -9.91 -1.78 34.67
C GLU C 61 -10.11 -2.07 33.22
N ARG C 62 -9.54 -1.17 32.45
CA ARG C 62 -9.83 -1.04 31.06
C ARG C 62 -8.53 -1.44 30.32
N TYR C 63 -8.60 -2.51 29.54
CA TYR C 63 -7.51 -2.99 28.66
C TYR C 63 -8.06 -3.40 27.29
N ALA C 64 -7.38 -3.00 26.20
CA ALA C 64 -7.82 -3.34 24.83
C ALA C 64 -9.27 -2.91 24.58
N GLY C 65 -9.59 -1.75 25.20
CA GLY C 65 -10.88 -1.11 25.05
C GLY C 65 -12.01 -1.74 25.82
N THR C 66 -11.69 -2.78 26.56
CA THR C 66 -12.73 -3.49 27.23
C THR C 66 -12.44 -3.59 28.73
N GLU C 67 -13.47 -3.87 29.51
CA GLU C 67 -13.30 -3.62 30.90
C GLU C 67 -13.38 -4.91 31.68
N PHE C 68 -12.35 -5.13 32.47
CA PHE C 68 -12.09 -6.41 33.15
C PHE C 68 -12.38 -6.22 34.61
N GLY C 69 -13.15 -7.14 35.18
CA GLY C 69 -13.35 -7.20 36.63
C GLY C 69 -12.90 -8.48 37.32
N PRO C 70 -13.65 -8.87 38.36
CA PRO C 70 -13.22 -10.00 39.17
C PRO C 70 -13.09 -11.16 38.27
N SER C 71 -12.10 -12.00 38.54
CA SER C 71 -11.92 -13.24 37.77
C SER C 71 -11.39 -13.13 36.31
N ASN C 72 -11.32 -11.94 35.72
CA ASN C 72 -10.84 -11.81 34.34
C ASN C 72 -9.36 -11.51 34.32
N LEU C 73 -8.52 -12.46 33.91
CA LEU C 73 -7.06 -12.16 33.84
C LEU C 73 -6.74 -11.06 32.81
N VAL C 74 -5.81 -10.17 33.11
CA VAL C 74 -5.51 -9.13 32.16
C VAL C 74 -4.02 -9.15 31.95
N ASP C 75 -3.55 -8.92 30.72
CA ASP C 75 -2.14 -9.00 30.41
C ASP C 75 -1.32 -7.91 31.09
N LYS C 76 -0.15 -8.34 31.56
CA LYS C 76 0.82 -7.44 32.15
C LYS C 76 2.18 -7.93 31.75
N GLU C 77 3.18 -7.07 31.88
CA GLU C 77 4.58 -7.49 31.78
C GLU C 77 5.19 -7.42 33.16
N LYS C 78 5.96 -8.44 33.50
CA LYS C 78 6.73 -8.54 34.73
C LYS C 78 8.23 -8.36 34.49
N LEU C 79 8.86 -7.72 35.45
CA LEU C 79 10.32 -7.49 35.44
C LEU C 79 10.84 -7.83 36.83
N ASP C 80 11.81 -8.75 36.87
CA ASP C 80 12.60 -9.12 38.04
C ASP C 80 14.00 -8.51 37.93
N ILE C 81 14.37 -7.72 38.94
CA ILE C 81 15.68 -7.06 39.01
C ILE C 81 16.36 -7.34 40.35
N VAL C 82 17.47 -8.09 40.33
CA VAL C 82 18.20 -8.32 41.58
C VAL C 82 19.27 -7.30 41.73
N VAL C 83 19.27 -6.65 42.89
CA VAL C 83 20.23 -5.62 43.22
C VAL C 83 20.68 -5.71 44.67
N SER C 84 21.67 -4.88 44.97
CA SER C 84 22.21 -4.78 46.32
C SER C 84 21.40 -3.78 47.16
N ARG C 85 21.33 -4.04 48.46
CA ARG C 85 20.53 -3.27 49.41
C ARG C 85 20.49 -1.78 49.12
N ALA C 86 21.66 -1.15 48.95
CA ALA C 86 21.77 0.31 48.69
C ALA C 86 21.01 0.78 47.48
N GLN C 87 20.98 -0.02 46.43
CA GLN C 87 20.31 0.39 45.20
C GLN C 87 18.76 0.20 45.18
N VAL C 88 18.20 -0.49 46.18
CA VAL C 88 16.74 -0.80 46.17
C VAL C 88 15.80 0.43 46.03
N ASP C 89 15.82 1.37 46.97
CA ASP C 89 14.94 2.53 46.84
C ASP C 89 15.04 3.22 45.46
N ALA C 90 16.24 3.35 44.91
CA ALA C 90 16.42 4.09 43.66
C ALA C 90 15.76 3.37 42.51
N VAL C 91 15.95 2.06 42.45
CA VAL C 91 15.41 1.24 41.38
C VAL C 91 13.89 1.21 41.45
N VAL C 92 13.34 0.94 42.63
CA VAL C 92 11.89 1.03 42.82
C VAL C 92 11.35 2.37 42.28
N ARG C 93 11.98 3.48 42.63
CA ARG C 93 11.49 4.77 42.14
C ARG C 93 11.50 4.92 40.63
N LEU C 94 12.51 4.36 39.98
CA LEU C 94 12.62 4.52 38.53
C LEU C 94 11.48 3.76 37.79
N VAL C 95 11.30 2.49 38.18
CA VAL C 95 10.22 1.65 37.68
C VAL C 95 8.86 2.31 37.92
N ALA C 96 8.58 2.67 39.16
CA ALA C 96 7.32 3.30 39.49
C ALA C 96 7.08 4.51 38.61
N ALA C 97 8.05 5.39 38.53
CA ALA C 97 7.89 6.62 37.80
C ALA C 97 7.63 6.40 36.28
N SER C 98 8.27 5.40 35.67
CA SER C 98 8.22 5.29 34.23
C SER C 98 7.01 4.46 33.78
N ALA C 99 6.61 3.50 34.60
CA ALA C 99 5.36 2.78 34.38
C ALA C 99 4.08 3.61 34.64
N TYR C 100 4.14 4.59 35.53
CA TYR C 100 2.95 5.30 35.97
C TYR C 100 2.11 5.91 34.84
N THR C 101 0.78 5.90 34.99
CA THR C 101 -0.15 6.63 34.11
C THR C 101 -1.16 7.37 34.92
N GLY C 102 -1.54 6.76 36.04
CA GLY C 102 -2.57 7.32 36.89
C GLY C 102 -3.87 6.54 36.98
N GLU C 103 -4.02 5.52 36.14
CA GLU C 103 -5.28 4.78 36.07
C GLU C 103 -5.14 3.45 36.80
N ILE C 104 -6.26 2.91 37.27
CA ILE C 104 -6.20 1.62 37.95
C ILE C 104 -5.61 0.55 37.03
N GLY C 105 -4.96 -0.45 37.62
CA GLY C 105 -4.19 -1.40 36.83
C GLY C 105 -2.76 -0.99 36.43
N ASP C 106 -2.32 0.21 36.82
CA ASP C 106 -0.92 0.73 36.65
C ASP C 106 0.16 -0.25 37.08
N GLY C 107 -0.12 -1.00 38.15
CA GLY C 107 0.82 -2.01 38.61
C GLY C 107 1.20 -2.05 40.08
N LYS C 108 1.89 -3.14 40.44
CA LYS C 108 2.42 -3.35 41.78
C LYS C 108 3.89 -3.73 41.71
N ILE C 109 4.63 -3.29 42.72
CA ILE C 109 6.02 -3.66 42.93
C ILE C 109 6.17 -4.35 44.27
N PHE C 110 6.86 -5.51 44.26
CA PHE C 110 7.19 -6.30 45.44
C PHE C 110 8.70 -6.38 45.56
N VAL C 111 9.19 -6.35 46.80
CA VAL C 111 10.63 -6.50 47.10
C VAL C 111 10.88 -7.77 47.95
N HIS C 112 11.76 -8.64 47.47
CA HIS C 112 12.04 -9.93 48.08
C HIS C 112 13.52 -10.08 48.46
N PRO C 113 13.78 -10.76 49.57
CA PRO C 113 15.16 -11.01 49.98
C PRO C 113 15.80 -12.08 49.12
N VAL C 114 17.10 -11.93 48.85
CA VAL C 114 17.87 -12.86 48.06
C VAL C 114 19.12 -13.22 48.86
N ALA C 115 19.51 -14.49 48.88
CA ALA C 115 20.67 -14.98 49.63
C ALA C 115 21.98 -15.01 48.84
N GLU C 116 21.97 -15.44 47.59
CA GLU C 116 23.22 -15.58 46.85
C GLU C 116 23.00 -15.34 45.39
N VAL C 117 24.07 -14.88 44.74
CA VAL C 117 24.10 -14.59 43.30
C VAL C 117 25.36 -15.26 42.72
N VAL C 118 25.22 -15.92 41.58
CA VAL C 118 26.33 -16.62 40.93
C VAL C 118 26.33 -16.32 39.43
N ARG C 119 27.49 -15.98 38.86
CA ARG C 119 27.58 -15.75 37.42
C ARG C 119 28.18 -17.02 36.86
N ILE C 120 27.47 -17.65 35.91
CA ILE C 120 27.85 -19.00 35.44
C ILE C 120 29.16 -19.02 34.64
N ARG C 121 29.36 -18.02 33.81
CA ARG C 121 30.52 -18.01 32.95
C ARG C 121 31.83 -18.02 33.72
N THR C 122 31.84 -17.34 34.86
CA THR C 122 33.07 -17.05 35.61
C THR C 122 33.12 -17.71 36.94
N ALA C 123 32.00 -18.23 37.41
CA ALA C 123 31.91 -18.77 38.79
C ALA C 123 32.00 -17.72 39.88
N GLU C 124 32.03 -16.44 39.53
CA GLU C 124 31.94 -15.39 40.54
C GLU C 124 30.68 -15.56 41.42
N THR C 125 30.79 -15.14 42.69
CA THR C 125 29.66 -15.11 43.63
C THR C 125 29.51 -13.76 44.33
N GLY C 126 28.39 -13.64 45.04
CA GLY C 126 28.08 -12.47 45.83
C GLY C 126 28.29 -11.18 45.10
N LEU C 127 28.96 -10.25 45.76
CA LEU C 127 29.16 -8.92 45.22
C LEU C 127 29.78 -8.93 43.82
N GLU C 128 30.76 -9.79 43.58
CA GLU C 128 31.37 -9.85 42.26
C GLU C 128 30.33 -10.28 41.19
N ALA C 129 29.47 -11.23 41.54
CA ALA C 129 28.50 -11.75 40.56
C ALA C 129 27.40 -10.73 40.27
N GLU C 130 26.98 -10.00 41.28
CA GLU C 130 25.86 -9.08 41.15
C GLU C 130 26.25 -7.81 40.44
N LYS C 131 27.52 -7.44 40.53
CA LYS C 131 28.03 -6.19 39.98
C LYS C 131 28.14 -6.30 38.44
N MET C 132 27.75 -5.24 37.74
CA MET C 132 27.89 -5.21 36.29
C MET C 132 28.87 -4.11 35.90
N GLU C 133 29.87 -4.50 35.09
CA GLU C 133 30.77 -3.52 34.51
C GLU C 133 29.97 -2.45 33.78
N GLY C 134 30.33 -1.18 34.00
CA GLY C 134 29.60 -0.05 33.44
C GLY C 134 28.30 0.37 34.15
N GLY C 135 27.95 -0.39 35.19
CA GLY C 135 26.67 -0.28 35.87
C GLY C 135 26.61 0.84 36.89
N MET C 136 25.44 0.97 37.51
CA MET C 136 25.10 2.05 38.47
C MET C 136 26.20 2.36 39.46
N GLU C 137 26.78 1.30 40.01
CA GLU C 137 27.88 1.43 40.94
C GLU C 137 29.04 2.13 40.27
N ASP C 138 29.46 1.66 39.10
CA ASP C 138 30.60 2.28 38.46
C ASP C 138 30.30 3.72 38.04
N MET C 139 29.09 3.95 37.56
CA MET C 139 28.69 5.31 37.12
C MET C 139 28.80 6.35 38.24
N MET C 140 28.39 5.96 39.45
CA MET C 140 28.53 6.78 40.68
C MET C 140 29.99 7.01 41.06
N LYS C 141 30.86 6.03 40.89
CA LYS C 141 32.30 6.25 41.12
C LYS C 141 32.87 7.23 40.07
N LYS C 142 32.48 7.09 38.79
CA LYS C 142 32.87 8.06 37.76
C LYS C 142 32.29 9.47 38.09
N LYS C 143 31.03 9.58 38.53
CA LYS C 143 30.48 10.89 39.03
C LYS C 143 31.19 11.49 40.30
N LYS C 144 31.71 10.65 41.22
CA LYS C 144 32.32 11.08 42.52
C LYS C 144 33.47 12.07 42.37
N LEU D 3 -5.55 -5.55 -46.23
CA LEU D 3 -6.51 -6.19 -45.21
C LEU D 3 -7.76 -5.39 -44.77
N GLU D 4 -7.76 -4.06 -44.95
CA GLU D 4 -9.01 -3.30 -44.89
C GLU D 4 -9.95 -3.82 -46.01
N SER D 5 -9.42 -4.61 -46.95
CA SER D 5 -10.15 -5.15 -48.12
C SER D 5 -9.85 -6.63 -48.47
N ILE D 6 -9.87 -7.48 -47.44
CA ILE D 6 -9.90 -8.93 -47.62
C ILE D 6 -11.20 -9.39 -48.27
N GLN D 7 -11.13 -10.38 -49.14
CA GLN D 7 -12.34 -10.93 -49.70
C GLN D 7 -12.40 -12.43 -49.61
N CYS D 8 -13.34 -12.96 -48.83
CA CYS D 8 -13.48 -14.39 -48.66
C CYS D 8 -14.19 -15.07 -49.83
N ASP D 9 -13.77 -16.31 -50.07
CA ASP D 9 -14.28 -17.10 -51.15
C ASP D 9 -15.32 -18.09 -50.70
N LEU D 10 -16.58 -17.74 -50.93
CA LEU D 10 -17.74 -18.55 -50.56
C LEU D 10 -18.35 -19.30 -51.77
N SER D 11 -17.60 -19.33 -52.87
CA SER D 11 -18.13 -19.85 -54.16
C SER D 11 -18.37 -21.38 -54.20
N ALA D 12 -17.81 -22.15 -53.25
CA ALA D 12 -18.14 -23.58 -53.11
C ALA D 12 -19.43 -23.82 -52.29
N PHE D 13 -20.07 -22.75 -51.84
CA PHE D 13 -21.27 -22.88 -51.02
C PHE D 13 -22.38 -21.99 -51.58
N PRO D 14 -22.72 -22.22 -52.83
CA PRO D 14 -23.79 -21.40 -53.35
C PRO D 14 -25.04 -21.91 -52.66
N GLY D 15 -26.01 -21.04 -52.50
CA GLY D 15 -27.24 -21.38 -51.79
C GLY D 15 -27.18 -21.13 -50.30
N VAL D 16 -26.01 -21.21 -49.71
CA VAL D 16 -25.89 -21.11 -48.27
C VAL D 16 -26.12 -19.66 -47.78
N LYS D 17 -26.94 -19.50 -46.72
CA LYS D 17 -27.29 -18.16 -46.26
C LYS D 17 -26.49 -17.68 -45.08
N PHE D 18 -25.88 -18.60 -44.34
CA PHE D 18 -25.22 -18.29 -43.06
C PHE D 18 -23.82 -18.83 -43.02
N PHE D 19 -22.92 -18.09 -42.40
CA PHE D 19 -21.57 -18.59 -42.20
C PHE D 19 -21.10 -18.31 -40.80
N ARG D 20 -20.23 -19.17 -40.26
CA ARG D 20 -19.64 -18.97 -38.95
C ARG D 20 -18.24 -18.50 -39.16
N ILE D 21 -17.93 -17.34 -38.60
CA ILE D 21 -16.60 -16.79 -38.62
C ILE D 21 -15.93 -17.17 -37.33
N GLU D 22 -14.85 -17.94 -37.43
CA GLU D 22 -14.15 -18.45 -36.25
C GLU D 22 -12.78 -17.78 -36.23
N ALA D 23 -12.54 -16.96 -35.21
CA ALA D 23 -11.28 -16.23 -35.12
C ALA D 23 -10.48 -16.67 -33.90
N ILE D 24 -9.19 -16.95 -34.11
CA ILE D 24 -8.28 -17.33 -33.04
C ILE D 24 -7.10 -16.36 -32.98
N PHE D 25 -7.01 -15.64 -31.84
CA PHE D 25 -6.02 -14.58 -31.68
C PHE D 25 -5.48 -14.38 -30.22
N ARG D 26 -4.69 -13.32 -30.04
CA ARG D 26 -4.01 -13.11 -28.77
C ARG D 26 -4.97 -12.76 -27.64
N PRO D 27 -4.79 -13.37 -26.50
CA PRO D 27 -5.77 -13.18 -25.45
C PRO D 27 -6.04 -11.76 -25.06
N TRP D 28 -5.00 -10.93 -25.03
CA TRP D 28 -5.18 -9.57 -24.55
C TRP D 28 -5.94 -8.66 -25.54
N ARG D 29 -6.07 -9.12 -26.81
CA ARG D 29 -6.89 -8.45 -27.84
C ARG D 29 -8.41 -8.64 -27.67
N LEU D 30 -8.82 -9.65 -26.93
CA LEU D 30 -10.23 -9.97 -26.82
C LEU D 30 -11.14 -8.75 -26.57
N PRO D 31 -10.85 -7.98 -25.55
CA PRO D 31 -11.74 -6.85 -25.37
C PRO D 31 -11.71 -5.85 -26.53
N PHE D 32 -10.55 -5.55 -27.13
CA PHE D 32 -10.58 -4.59 -28.27
CA PHE D 32 -10.48 -4.64 -28.29
C PHE D 32 -11.39 -5.17 -29.44
N VAL D 33 -11.28 -6.46 -29.70
CA VAL D 33 -12.06 -7.05 -30.78
C VAL D 33 -13.59 -7.02 -30.54
N ILE D 34 -13.99 -7.41 -29.34
CA ILE D 34 -15.37 -7.33 -28.94
C ILE D 34 -15.93 -5.90 -29.03
N ASP D 35 -15.15 -4.89 -28.69
CA ASP D 35 -15.66 -3.51 -28.76
C ASP D 35 -15.78 -3.03 -30.18
N THR D 36 -14.87 -3.45 -31.02
CA THR D 36 -14.93 -3.02 -32.43
C THR D 36 -16.21 -3.60 -33.08
N LEU D 37 -16.44 -4.89 -32.87
CA LEU D 37 -17.64 -5.52 -33.32
C LEU D 37 -18.88 -4.85 -32.70
N SER D 38 -18.86 -4.54 -31.41
CA SER D 38 -20.04 -3.87 -30.84
C SER D 38 -20.33 -2.53 -31.51
N LYS D 39 -19.34 -1.66 -31.69
CA LYS D 39 -19.55 -0.38 -32.38
C LYS D 39 -20.23 -0.58 -33.77
N TYR D 40 -19.86 -1.62 -34.50
CA TYR D 40 -20.44 -1.82 -35.82
C TYR D 40 -21.69 -2.68 -35.85
N GLY D 41 -22.28 -3.02 -34.71
CA GLY D 41 -23.55 -3.78 -34.71
C GLY D 41 -23.45 -5.30 -34.68
N ILE D 42 -22.26 -5.87 -34.54
CA ILE D 42 -22.16 -7.29 -34.26
C ILE D 42 -22.19 -7.54 -32.75
N ARG D 43 -23.33 -8.01 -32.22
CA ARG D 43 -23.48 -8.28 -30.79
C ARG D 43 -24.05 -9.67 -30.44
N GLY D 44 -23.89 -10.61 -31.36
CA GLY D 44 -24.09 -12.01 -31.08
C GLY D 44 -22.77 -12.71 -31.41
N LEU D 45 -22.08 -13.16 -30.36
CA LEU D 45 -20.81 -13.83 -30.52
C LEU D 45 -20.49 -14.73 -29.33
N THR D 46 -19.65 -15.74 -29.57
CA THR D 46 -19.29 -16.70 -28.52
C THR D 46 -17.77 -16.84 -28.35
N ASN D 47 -17.30 -16.71 -27.12
CA ASN D 47 -15.89 -16.79 -26.77
C ASN D 47 -15.52 -18.14 -26.10
N THR D 48 -14.41 -18.71 -26.50
CA THR D 48 -13.87 -19.86 -25.83
C THR D 48 -12.37 -19.68 -25.70
N PRO D 49 -11.85 -19.74 -24.48
CA PRO D 49 -10.36 -19.78 -24.38
C PRO D 49 -9.81 -21.10 -24.87
N VAL D 50 -8.74 -21.08 -25.64
CA VAL D 50 -8.16 -22.28 -26.24
C VAL D 50 -6.66 -22.18 -26.16
N LYS D 51 -5.99 -23.17 -26.74
CA LYS D 51 -4.55 -23.12 -26.88
C LYS D 51 -4.28 -23.73 -28.21
N GLY D 52 -3.18 -23.33 -28.82
CA GLY D 52 -2.88 -23.71 -30.19
C GLY D 52 -1.40 -23.71 -30.52
N VAL D 53 -1.13 -24.07 -31.77
CA VAL D 53 0.21 -24.16 -32.33
C VAL D 53 0.13 -23.67 -33.78
N GLY D 54 1.08 -22.85 -34.23
CA GLY D 54 1.07 -22.33 -35.59
C GLY D 54 2.52 -22.12 -36.00
N VAL D 55 3.20 -23.20 -36.31
CA VAL D 55 4.62 -23.20 -36.50
C VAL D 55 4.96 -23.22 -37.96
N GLN D 56 5.36 -22.02 -38.37
CA GLN D 56 5.97 -21.80 -39.67
C GLN D 56 7.51 -21.81 -39.63
N GLY D 57 8.06 -22.65 -40.50
CA GLY D 57 9.49 -22.76 -40.67
C GLY D 57 10.16 -23.17 -39.37
N GLY D 58 11.17 -22.44 -38.99
CA GLY D 58 11.80 -22.64 -37.71
C GLY D 58 11.85 -21.40 -36.83
N SER D 59 10.88 -20.49 -36.98
CA SER D 59 10.73 -19.36 -36.07
C SER D 59 9.88 -19.83 -34.90
N ARG D 60 9.82 -19.01 -33.86
CA ARG D 60 9.25 -19.39 -32.59
C ARG D 60 8.58 -18.18 -31.98
N GLU D 61 7.29 -18.29 -31.71
CA GLU D 61 6.53 -17.13 -31.30
C GLU D 61 6.77 -16.92 -29.86
N ARG D 62 6.57 -15.69 -29.46
CA ARG D 62 6.97 -15.18 -28.20
C ARG D 62 5.64 -14.85 -27.42
N TYR D 63 5.41 -15.55 -26.31
CA TYR D 63 4.31 -15.31 -25.36
C TYR D 63 4.80 -15.30 -23.89
N ALA D 64 4.31 -14.35 -23.09
CA ALA D 64 4.67 -14.34 -21.66
C ALA D 64 6.18 -14.34 -21.51
N GLY D 65 6.83 -13.61 -22.41
CA GLY D 65 8.26 -13.44 -22.40
C GLY D 65 9.08 -14.62 -22.89
N THR D 66 8.42 -15.73 -23.19
CA THR D 66 9.16 -16.90 -23.51
C THR D 66 8.81 -17.38 -24.92
N GLU D 67 9.66 -18.20 -25.49
CA GLU D 67 9.48 -18.45 -26.88
C GLU D 67 9.08 -19.92 -27.09
N PHE D 68 8.01 -20.11 -27.85
CA PHE D 68 7.29 -21.38 -28.00
C PHE D 68 7.47 -21.86 -29.42
N GLY D 69 7.92 -23.11 -29.56
CA GLY D 69 7.98 -23.76 -30.85
C GLY D 69 7.15 -25.03 -31.00
N PRO D 70 7.67 -25.98 -31.81
CA PRO D 70 6.84 -27.08 -32.22
C PRO D 70 6.38 -27.75 -31.00
N SER D 71 5.14 -28.24 -31.02
CA SER D 71 4.60 -29.04 -29.89
C SER D 71 4.30 -28.32 -28.57
N ASN D 72 4.58 -27.01 -28.46
CA ASN D 72 4.25 -26.19 -27.27
C ASN D 72 2.99 -25.42 -27.45
N LEU D 73 1.93 -25.82 -26.77
CA LEU D 73 0.67 -25.07 -26.89
C LEU D 73 0.78 -23.65 -26.36
N VAL D 74 0.09 -22.70 -26.99
CA VAL D 74 0.18 -21.33 -26.51
C VAL D 74 -1.21 -20.74 -26.40
N ASP D 75 -1.47 -19.94 -25.37
CA ASP D 75 -2.81 -19.51 -25.12
C ASP D 75 -3.27 -18.58 -26.16
N LYS D 76 -4.52 -18.79 -26.57
CA LYS D 76 -5.24 -17.91 -27.47
C LYS D 76 -6.68 -17.76 -27.00
N GLU D 77 -7.34 -16.70 -27.45
CA GLU D 77 -8.78 -16.58 -27.30
C GLU D 77 -9.47 -16.80 -28.64
N LYS D 78 -10.56 -17.56 -28.64
CA LYS D 78 -11.35 -17.88 -29.83
C LYS D 78 -12.70 -17.18 -29.82
N LEU D 79 -13.13 -16.71 -30.98
CA LEU D 79 -14.43 -16.06 -31.15
C LEU D 79 -15.12 -16.65 -32.34
N ASP D 80 -16.35 -17.14 -32.12
CA ASP D 80 -17.25 -17.70 -33.12
C ASP D 80 -18.38 -16.69 -33.32
N ILE D 81 -18.56 -16.26 -34.56
CA ILE D 81 -19.57 -15.27 -34.93
C ILE D 81 -20.38 -15.76 -36.12
N VAL D 82 -21.66 -16.08 -35.92
CA VAL D 82 -22.51 -16.51 -37.01
C VAL D 82 -23.25 -15.33 -37.59
N VAL D 83 -23.07 -15.16 -38.90
CA VAL D 83 -23.66 -14.06 -39.67
C VAL D 83 -24.22 -14.52 -40.99
N SER D 84 -24.97 -13.62 -41.60
CA SER D 84 -25.53 -13.85 -42.92
C SER D 84 -24.51 -13.50 -43.99
N ARG D 85 -24.61 -14.19 -45.12
CA ARG D 85 -23.65 -14.09 -46.24
C ARG D 85 -23.09 -12.68 -46.52
N ALA D 86 -24.00 -11.70 -46.65
CA ALA D 86 -23.61 -10.32 -46.99
C ALA D 86 -22.66 -9.70 -45.95
N GLN D 87 -22.76 -10.10 -44.69
CA GLN D 87 -21.97 -9.48 -43.68
C GLN D 87 -20.58 -10.10 -43.49
N VAL D 88 -20.30 -11.23 -44.17
CA VAL D 88 -19.04 -11.99 -43.89
C VAL D 88 -17.78 -11.19 -44.14
N ASP D 89 -17.58 -10.66 -45.35
CA ASP D 89 -16.34 -9.91 -45.60
C ASP D 89 -16.17 -8.78 -44.55
N ALA D 90 -17.21 -8.07 -44.21
CA ALA D 90 -17.05 -6.94 -43.31
C ALA D 90 -16.55 -7.38 -41.90
N VAL D 91 -17.13 -8.45 -41.40
CA VAL D 91 -16.83 -8.93 -40.08
C VAL D 91 -15.42 -9.46 -40.03
N VAL D 92 -15.05 -10.23 -41.03
CA VAL D 92 -13.70 -10.72 -41.15
C VAL D 92 -12.69 -9.56 -41.15
N ARG D 93 -12.98 -8.50 -41.90
CA ARG D 93 -12.10 -7.35 -41.87
C ARG D 93 -12.03 -6.64 -40.49
N LEU D 94 -13.12 -6.62 -39.76
CA LEU D 94 -13.07 -5.93 -38.48
C LEU D 94 -12.18 -6.69 -37.46
N VAL D 95 -12.38 -8.00 -37.39
CA VAL D 95 -11.60 -8.84 -36.52
C VAL D 95 -10.10 -8.78 -36.88
N ALA D 96 -9.80 -8.96 -38.15
CA ALA D 96 -8.42 -8.98 -38.59
C ALA D 96 -7.74 -7.65 -38.19
N ALA D 97 -8.42 -6.56 -38.52
CA ALA D 97 -7.86 -5.26 -38.27
C ALA D 97 -7.60 -5.00 -36.77
N SER D 98 -8.50 -5.47 -35.89
CA SER D 98 -8.37 -5.12 -34.47
C SER D 98 -7.50 -6.09 -33.66
N ALA D 99 -7.47 -7.34 -34.08
CA ALA D 99 -6.49 -8.26 -33.55
C ALA D 99 -5.04 -8.03 -34.00
N TYR D 100 -4.83 -7.48 -35.20
CA TYR D 100 -3.47 -7.37 -35.79
C TYR D 100 -2.39 -6.72 -34.91
N THR D 101 -1.17 -7.26 -34.94
CA THR D 101 0.03 -6.58 -34.33
C THR D 101 1.26 -6.56 -35.22
N GLY D 102 1.35 -7.54 -36.10
CA GLY D 102 2.47 -7.62 -37.00
C GLY D 102 3.37 -8.80 -36.71
N GLU D 103 3.26 -9.41 -35.55
CA GLU D 103 4.20 -10.47 -35.15
C GLU D 103 3.62 -11.84 -35.38
N ILE D 104 4.47 -12.84 -35.54
CA ILE D 104 3.95 -14.20 -35.70
C ILE D 104 3.08 -14.59 -34.51
N GLY D 105 2.09 -15.46 -34.75
CA GLY D 105 1.11 -15.81 -33.74
C GLY D 105 -0.07 -14.84 -33.60
N ASP D 106 -0.13 -13.80 -34.46
CA ASP D 106 -1.26 -12.86 -34.56
C ASP D 106 -2.63 -13.52 -34.68
N GLY D 107 -2.68 -14.69 -35.31
CA GLY D 107 -3.96 -15.41 -35.42
C GLY D 107 -4.45 -15.78 -36.83
N LYS D 108 -5.40 -16.71 -36.86
CA LYS D 108 -6.06 -17.16 -38.07
C LYS D 108 -7.55 -17.01 -37.94
N ILE D 109 -8.19 -16.77 -39.07
CA ILE D 109 -9.63 -16.74 -39.19
C ILE D 109 -10.07 -17.77 -40.18
N PHE D 110 -11.06 -18.59 -39.78
CA PHE D 110 -11.71 -19.60 -40.64
C PHE D 110 -13.20 -19.28 -40.79
N VAL D 111 -13.73 -19.53 -42.00
CA VAL D 111 -15.13 -19.28 -42.29
C VAL D 111 -15.74 -20.60 -42.63
N HIS D 112 -16.87 -20.89 -42.00
CA HIS D 112 -17.58 -22.19 -42.13
C HIS D 112 -19.03 -22.00 -42.53
N PRO D 113 -19.57 -22.92 -43.32
CA PRO D 113 -21.00 -22.86 -43.66
C PRO D 113 -21.90 -23.27 -42.49
N VAL D 114 -23.08 -22.68 -42.41
CA VAL D 114 -24.07 -22.95 -41.35
C VAL D 114 -25.44 -23.14 -42.03
N ALA D 115 -26.21 -24.10 -41.58
CA ALA D 115 -27.48 -24.44 -42.21
C ALA D 115 -28.67 -23.76 -41.57
N GLU D 116 -28.73 -23.69 -40.25
CA GLU D 116 -29.91 -23.16 -39.59
C GLU D 116 -29.55 -22.44 -38.30
N VAL D 117 -30.38 -21.47 -37.93
CA VAL D 117 -30.23 -20.72 -36.71
C VAL D 117 -31.61 -20.72 -36.04
N VAL D 118 -31.61 -20.90 -34.70
CA VAL D 118 -32.83 -20.93 -33.89
C VAL D 118 -32.63 -20.14 -32.60
N ARG D 119 -33.59 -19.27 -32.26
CA ARG D 119 -33.57 -18.54 -30.99
C ARG D 119 -34.53 -19.26 -30.05
N ILE D 120 -34.02 -19.67 -28.90
CA ILE D 120 -34.74 -20.59 -28.01
C ILE D 120 -35.90 -19.91 -27.37
N ARG D 121 -35.67 -18.67 -26.94
CA ARG D 121 -36.70 -17.95 -26.21
C ARG D 121 -37.99 -17.86 -27.04
N THR D 122 -37.86 -17.65 -28.34
CA THR D 122 -38.99 -17.28 -29.21
C THR D 122 -39.32 -18.33 -30.22
N ALA D 123 -38.44 -19.30 -30.42
CA ALA D 123 -38.59 -20.31 -31.47
C ALA D 123 -38.43 -19.75 -32.90
N GLU D 124 -37.99 -18.50 -33.03
CA GLU D 124 -37.70 -17.96 -34.34
C GLU D 124 -36.63 -18.80 -34.99
N THR D 125 -36.64 -18.85 -36.32
CA THR D 125 -35.60 -19.53 -37.10
C THR D 125 -35.06 -18.63 -38.26
N GLY D 126 -34.01 -19.12 -38.91
CA GLY D 126 -33.40 -18.46 -40.06
C GLY D 126 -33.12 -16.98 -39.88
N LEU D 127 -33.45 -16.20 -40.89
CA LEU D 127 -33.18 -14.76 -40.92
C LEU D 127 -33.70 -14.05 -39.68
N GLU D 128 -34.91 -14.39 -39.22
CA GLU D 128 -35.44 -13.81 -37.98
C GLU D 128 -34.55 -14.16 -36.78
N ALA D 129 -34.08 -15.40 -36.69
CA ALA D 129 -33.27 -15.85 -35.54
C ALA D 129 -31.87 -15.24 -35.55
N GLU D 130 -31.30 -15.06 -36.74
CA GLU D 130 -29.95 -14.54 -36.87
C GLU D 130 -29.88 -13.02 -36.65
N LYS D 131 -30.96 -12.33 -36.98
CA LYS D 131 -31.01 -10.88 -36.95
C LYS D 131 -31.08 -10.41 -35.51
N MET D 132 -30.36 -9.34 -35.17
CA MET D 132 -30.41 -8.79 -33.82
C MET D 132 -30.94 -7.39 -33.90
N GLU D 133 -31.95 -7.09 -33.10
CA GLU D 133 -32.43 -5.72 -32.96
C GLU D 133 -31.27 -4.77 -32.59
N GLY D 134 -31.23 -3.63 -33.28
CA GLY D 134 -30.17 -2.63 -33.06
C GLY D 134 -28.84 -2.94 -33.73
N GLY D 135 -28.80 -4.09 -34.44
CA GLY D 135 -27.61 -4.64 -35.09
C GLY D 135 -27.24 -4.04 -36.44
N MET D 136 -26.11 -4.51 -36.98
CA MET D 136 -25.53 -4.02 -38.25
C MET D 136 -26.55 -3.70 -39.35
N GLU D 137 -27.45 -4.66 -39.58
CA GLU D 137 -28.48 -4.57 -40.57
C GLU D 137 -29.36 -3.37 -40.28
N ASP D 138 -29.89 -3.30 -39.06
CA ASP D 138 -30.69 -2.12 -38.68
C ASP D 138 -29.88 -0.84 -38.75
N MET D 139 -28.62 -0.85 -38.35
CA MET D 139 -27.78 0.39 -38.43
C MET D 139 -27.60 0.95 -39.86
N MET D 140 -27.45 0.03 -40.83
CA MET D 140 -27.38 0.36 -42.26
C MET D 140 -28.69 0.90 -42.82
N LYS D 141 -29.83 0.40 -42.37
CA LYS D 141 -31.15 0.98 -42.73
C LYS D 141 -31.40 2.38 -42.17
N LYS D 142 -31.02 2.62 -40.91
CA LYS D 142 -31.02 3.98 -40.34
C LYS D 142 -30.00 4.90 -41.12
N LYS D 143 -28.80 4.40 -41.46
CA LYS D 143 -27.83 5.16 -42.34
C LYS D 143 -28.37 5.43 -43.79
N LYS D 144 -29.17 4.53 -44.38
CA LYS D 144 -29.68 4.64 -45.79
C LYS D 144 -30.39 5.96 -46.14
N ARG E . 0.39 9.11 -16.51
CA ARG E . 0.14 8.74 -17.89
C ARG E . 0.37 7.24 -18.01
O ARG E . -0.18 6.56 -18.87
CB ARG E . 1.07 9.58 -18.78
CG ARG E . 1.20 9.26 -20.26
CD ARG E . 2.66 9.40 -20.71
NE ARG E . 2.93 10.18 -21.92
CZ ARG E . 4.16 10.46 -22.39
NH1 ARG E . 5.26 10.05 -21.76
NH2 ARG E . 4.34 11.15 -23.52
OXT ARG E . 1.08 6.62 -17.21
PB ADP F . 21.24 3.08 -21.81
O1B ADP F . 20.24 4.20 -21.61
O2B ADP F . 20.78 1.74 -22.39
O3B ADP F . 22.30 2.93 -20.68
PA ADP F . 22.41 3.39 -24.55
O1A ADP F . 22.24 1.90 -24.82
O2A ADP F . 23.67 4.05 -25.04
O3A ADP F . 22.19 3.67 -22.97
O5' ADP F . 21.31 4.56 -24.71
C5' ADP F . 20.64 4.98 -25.85
C4' ADP F . 21.52 5.87 -26.66
O4' ADP F . 21.00 5.84 -28.00
C3' ADP F . 21.48 7.34 -26.30
O3' ADP F . 22.50 7.65 -25.38
C2' ADP F . 21.73 8.07 -27.62
O2' ADP F . 23.07 8.55 -27.60
C1' ADP F . 21.47 7.00 -28.69
N9 ADP F . 20.51 7.30 -29.75
C8 ADP F . 20.60 6.82 -31.03
N7 ADP F . 19.59 7.28 -31.83
C5 ADP F . 18.82 8.03 -31.01
C6 ADP F . 17.59 8.83 -31.15
N6 ADP F . 16.91 8.95 -32.30
N1 ADP F . 17.15 9.47 -30.07
C2 ADP F . 17.76 9.41 -28.87
N3 ADP F . 18.87 8.70 -28.67
C4 ADP F . 19.44 8.02 -29.66
CA NLG G . 24.82 -5.06 -22.26
C NLG G . 26.27 -4.66 -22.11
OXT NLG G . 27.15 -5.55 -22.09
O NLG G . 26.52 -3.43 -22.05
CB NLG G . 24.21 -5.29 -20.90
CG NLG G . 24.14 -4.02 -20.02
CD NLG G . 23.17 -2.95 -20.49
OE1 NLG G . 22.22 -3.33 -21.22
OE2 NLG G . 23.37 -1.76 -20.12
C7 NLG G . 24.76 -6.29 -24.34
C8 NLG G . 24.73 -7.65 -24.98
O7 NLG G . 24.78 -5.28 -25.02
N2 NLG G . 24.78 -6.26 -23.01
MG MG H . 22.33 0.17 -23.57
N ARG I . 2.65 14.19 11.33
CA ARG I . 3.22 13.87 12.62
C ARG I . 2.43 12.74 13.32
O ARG I . 2.99 12.06 14.18
CB ARG I . 3.34 15.17 13.47
CG ARG I . 2.82 15.12 14.89
CD ARG I . 1.46 15.81 15.08
NE ARG I . 1.63 17.17 15.61
CZ ARG I . 0.73 17.84 16.33
NH1 ARG I . -0.46 17.32 16.57
NH2 ARG I . 1.02 19.06 16.77
OXT ARG I . 1.23 12.46 13.10
CA X2W J . -24.53 11.50 20.91
CB X2W J . -23.79 10.79 19.71
CG X2W J . -23.22 11.77 18.67
C3 X2W J . -21.83 12.35 18.84
C X2W J . -25.90 12.13 20.70
O X2W J . -26.06 13.24 20.18
OXT X2W J . -26.87 11.51 21.15
C1 X2W J . -24.75 10.91 23.35
O1 X2W J . -24.57 12.03 23.76
P X2W J . -21.13 15.14 17.67
O2P X2W J . -19.71 15.61 17.96
O1P X2W J . -21.47 15.64 16.26
O3P X2W J . -22.08 15.61 18.74
N1 X2W J . -24.75 10.57 22.05
C2 X2W J . -25.01 9.81 24.33
O2 X2W J . -21.23 11.81 19.77
OE2 X2W J . -21.23 13.42 17.87
PG ATP K . -4.91 -0.15 41.47
O1G ATP K . -5.39 -1.01 40.34
O2G ATP K . -5.98 0.19 42.44
O3G ATP K . -4.11 1.07 40.98
PB ATP K . -4.15 -2.60 42.66
O1B ATP K . -3.73 -2.94 44.05
O2B ATP K . -5.57 -2.98 42.33
O3B ATP K . -3.86 -1.03 42.34
PA ATP K . -3.16 -3.36 40.16
O1A ATP K . -2.37 -2.26 39.43
O2A ATP K . -4.58 -3.67 39.82
O3A ATP K . -3.07 -3.32 41.75
O5' ATP K . -2.36 -4.74 40.03
C5' ATP K . -1.58 -4.91 38.86
C4' ATP K . -1.17 -6.35 38.72
O4' ATP K . -0.32 -6.72 39.81
C3' ATP K . -2.31 -7.35 38.78
O3' ATP K . -2.93 -7.44 37.51
C2' ATP K . -1.53 -8.58 39.18
O2' ATP K . -0.81 -9.09 38.06
C1' ATP K . -0.49 -8.07 40.15
N9 ATP K . -0.89 -8.01 41.55
C8 ATP K . -1.49 -7.02 42.21
N7 ATP K . -1.63 -7.33 43.52
C5 ATP K . -1.09 -8.51 43.72
C6 ATP K . -0.86 -9.43 44.85
N6 ATP K . -1.25 -9.22 46.12
N1 ATP K . -0.21 -10.54 44.58
C2 ATP K . 0.19 -10.89 43.38
N3 ATP K . 0.03 -10.12 42.30
C4 ATP K . -0.59 -8.95 42.42
MG MG L . -6.21 -2.91 40.35
N GLN M . 24.57 -3.34 41.09
CA GLN M . 25.09 -3.58 39.74
C GLN M . 26.01 -2.41 39.39
O GLN M . 27.11 -2.51 38.81
CB GLN M . 23.92 -3.69 38.75
CG GLN M . 22.82 -4.68 39.13
CD GLN M . 21.72 -4.82 38.08
OE1 GLN M . 21.83 -4.23 37.02
NE2 GLN M . 20.67 -5.60 38.36
OXT GLN M . 25.63 -1.29 39.76
PG ATP N . 1.93 -16.60 -38.54
O1G ATP N . 2.27 -17.13 -37.19
O2G ATP N . 3.11 -16.91 -39.37
O3G ATP N . 1.40 -15.17 -38.51
PB ATP N . 0.41 -19.01 -38.68
O1B ATP N . -0.16 -19.90 -39.71
O2B ATP N . 1.77 -19.42 -38.21
O3B ATP N . 0.75 -17.51 -39.20
PA ATP N . -0.73 -18.32 -36.19
O1A ATP N . -1.02 -16.87 -35.75
O2A ATP N . 0.47 -19.08 -35.70
O3A ATP N . -0.85 -18.67 -37.73
O5' ATP N . -1.95 -19.17 -35.63
C5' ATP N . -2.63 -18.79 -34.45
C4' ATP N . -3.47 -19.92 -33.87
O4' ATP N . -4.49 -20.36 -34.77
C3' ATP N . -2.66 -21.15 -33.54
O3' ATP N . -2.06 -21.07 -32.27
C2' ATP N . -3.75 -22.18 -33.55
O2' ATP N . -4.51 -21.98 -32.40
C1' ATP N . -4.67 -21.77 -34.65
N9 ATP N . -4.41 -22.42 -35.96
C8 ATP N . -3.49 -22.04 -36.84
N7 ATP N . -3.51 -22.83 -37.95
C5 ATP N . -4.47 -23.73 -37.81
C6 ATP N . -5.00 -24.81 -38.65
N6 ATP N . -4.51 -25.13 -39.88
N1 ATP N . -6.00 -25.51 -38.13
C2 ATP N . -6.50 -25.22 -36.90
N3 ATP N . -6.08 -24.23 -36.10
C4 ATP N . -5.06 -23.46 -36.50
MG MG O . 2.39 -19.16 -36.37
N GLN P . -26.98 -10.05 -38.84
CA GLN P . -27.40 -9.47 -37.52
C GLN P . -27.89 -7.99 -37.61
O GLN P . -28.94 -7.55 -37.07
CB GLN P . -26.24 -9.55 -36.54
CG GLN P . -25.61 -10.92 -36.37
CD GLN P . -24.66 -10.92 -35.19
OE1 GLN P . -24.63 -9.96 -34.39
NE2 GLN P . -23.85 -11.98 -35.09
OXT GLN P . -27.23 -7.18 -38.28
#